data_9ETO
#
_entry.id   9ETO
#
_cell.length_a   111.820
_cell.length_b   70.140
_cell.length_c   118.900
_cell.angle_alpha   90.000
_cell.angle_beta   95.837
_cell.angle_gamma   90.000
#
_symmetry.space_group_name_H-M   'C 1 2 1'
#
loop_
_entity.id
_entity.type
_entity.pdbx_description
1 polymer '4-hydroxytryptamine kinase'
2 non-polymer DI(HYDROXYETHYL)ETHER
3 non-polymer 'SULFATE ION'
4 non-polymer 'CHLORIDE ION'
5 non-polymer 'dodecaethylene glycol monomethyl ether'
6 water water
#
_entity_poly.entity_id   1
_entity_poly.type   'polypeptide(L)'
_entity_poly.pdbx_seq_one_letter_code
;GHMAFDLKTEDGLITYLTKHLSLDVDTSGVKRLSGGFVNVTWRIKLNAPYQGHTSIILKHAQPHMSTDEDFKIGVERSVY
EYQAIKLMMANREVLGGVDGIVSVPEGLNYDLENNALIMQDVGKMKTLLDYVTAKPPLATDIARLVGTEIGGFVARLHNI
GRERRDDPEFKFFSGNIVGRTTSDQLYQTIIPNAAKYGVDDPLLPTVVKDLVDDVMHSEETLVMADLWSGNILLQLEEGN
PSKLQKIYILDWELCKYGPASLDLGYFLGDCYLISRFQDEQVGTTMRQAYLQSYARTSKHSINYAKVTAGIAAHIVMWTD
FMQWGSEEERINFVKKGVAAFHDARGNNDNGEITSTLLKESSTA
;
_entity_poly.pdbx_strand_id   A,B
#
loop_
_chem_comp.id
_chem_comp.type
_chem_comp.name
_chem_comp.formula
CL non-polymer 'CHLORIDE ION' 'Cl -1'
PEG non-polymer DI(HYDROXYETHYL)ETHER 'C4 H10 O3'
RWB non-polymer 'dodecaethylene glycol monomethyl ether' 'C25 H52 O13'
SO4 non-polymer 'SULFATE ION' 'O4 S -2'
#
# COMPACT_ATOMS: atom_id res chain seq x y z
N HIS A 2 12.59 17.23 12.94
CA HIS A 2 11.72 16.12 13.46
C HIS A 2 12.16 15.75 14.87
N MET A 3 11.19 15.69 15.79
CA MET A 3 11.44 15.42 17.21
C MET A 3 11.25 13.92 17.50
N ALA A 4 12.08 13.36 18.41
CA ALA A 4 11.87 12.03 18.96
C ALA A 4 10.93 12.13 20.16
N PHE A 5 9.90 11.27 20.18
CA PHE A 5 8.87 11.34 21.20
C PHE A 5 8.87 10.09 22.06
N ASP A 6 8.31 10.20 23.27
CA ASP A 6 8.20 9.05 24.15
C ASP A 6 6.73 8.66 24.32
N LEU A 7 6.32 7.61 23.60
CA LEU A 7 4.93 7.16 23.61
C LEU A 7 4.66 6.16 24.74
N LYS A 8 5.62 5.97 25.64
CA LYS A 8 5.42 5.03 26.72
C LYS A 8 5.00 5.78 27.98
N THR A 9 5.03 7.10 27.94
CA THR A 9 4.59 7.92 29.06
C THR A 9 3.38 8.76 28.61
N GLU A 10 2.51 9.09 29.57
CA GLU A 10 1.28 9.83 29.31
C GLU A 10 1.62 11.23 28.79
N ASP A 11 2.72 11.80 29.31
CA ASP A 11 3.08 13.18 29.01
C ASP A 11 3.65 13.26 27.59
N GLY A 12 4.48 12.26 27.23
CA GLY A 12 5.04 12.14 25.90
C GLY A 12 3.97 11.85 24.83
N LEU A 13 2.94 11.08 25.23
CA LEU A 13 1.75 10.83 24.43
C LEU A 13 1.06 12.13 24.05
N ILE A 14 0.90 13.06 25.00
CA ILE A 14 0.11 14.25 24.77
C ILE A 14 0.91 15.25 23.93
N THR A 15 2.24 15.26 24.09
CA THR A 15 3.12 16.00 23.20
C THR A 15 2.93 15.50 21.75
N TYR A 16 3.05 14.17 21.53
CA TYR A 16 2.94 13.62 20.19
C TYR A 16 1.59 14.03 19.61
N LEU A 17 0.50 13.82 20.35
CA LEU A 17 -0.80 14.12 19.79
C LEU A 17 -0.98 15.61 19.48
N THR A 18 -0.48 16.51 20.35
CA THR A 18 -0.79 17.93 20.18
C THR A 18 0.19 18.54 19.17
N LYS A 19 1.49 18.30 19.36
CA LYS A 19 2.53 18.94 18.58
C LYS A 19 2.59 18.38 17.15
N HIS A 20 2.41 17.08 16.98
CA HIS A 20 2.61 16.41 15.70
C HIS A 20 1.30 16.31 14.91
N LEU A 21 0.17 16.04 15.57
CA LEU A 21 -1.07 15.77 14.85
C LEU A 21 -2.09 16.89 15.06
N SER A 22 -1.80 17.85 15.95
CA SER A 22 -2.63 19.02 16.13
C SER A 22 -3.97 18.68 16.80
N LEU A 23 -4.01 17.61 17.59
CA LEU A 23 -5.25 17.18 18.20
C LEU A 23 -5.42 17.93 19.52
N ASP A 24 -6.69 18.20 19.87
CA ASP A 24 -7.04 18.88 21.11
C ASP A 24 -7.30 17.85 22.22
N VAL A 25 -6.26 17.56 23.03
CA VAL A 25 -6.27 16.38 23.86
C VAL A 25 -6.49 16.79 25.31
N ASP A 26 -7.61 16.30 25.85
CA ASP A 26 -7.86 16.10 27.28
C ASP A 26 -6.60 15.51 27.96
N THR A 27 -5.92 16.29 28.83
CA THR A 27 -4.73 15.81 29.51
C THR A 27 -5.09 14.73 30.56
N SER A 28 -6.41 14.52 30.73
CA SER A 28 -6.99 13.69 31.76
C SER A 28 -8.04 12.75 31.17
N GLY A 29 -7.92 12.46 29.87
CA GLY A 29 -8.83 11.55 29.19
C GLY A 29 -8.03 10.38 28.60
N VAL A 30 -7.01 9.98 29.36
CA VAL A 30 -5.95 9.10 28.89
C VAL A 30 -5.74 7.99 29.91
N LYS A 31 -5.74 6.75 29.40
CA LYS A 31 -5.57 5.58 30.22
C LYS A 31 -4.80 4.56 29.41
N ARG A 32 -3.80 3.94 30.06
CA ARG A 32 -3.08 2.79 29.50
C ARG A 32 -3.91 1.53 29.66
N LEU A 33 -3.94 0.67 28.64
CA LEU A 33 -4.77 -0.53 28.63
C LEU A 33 -3.90 -1.77 28.72
N SER A 34 -2.88 -1.86 27.87
CA SER A 34 -1.92 -2.96 27.81
C SER A 34 -0.54 -2.35 27.90
N GLY A 35 0.47 -3.22 27.89
CA GLY A 35 1.82 -2.73 27.95
C GLY A 35 2.75 -3.85 28.41
N GLY A 36 3.62 -4.27 27.48
CA GLY A 36 4.84 -5.00 27.82
C GLY A 36 6.09 -4.26 27.34
N PHE A 37 7.15 -5.05 27.11
CA PHE A 37 8.42 -4.54 26.64
C PHE A 37 8.30 -3.88 25.25
N VAL A 38 7.56 -4.47 24.31
CA VAL A 38 7.45 -3.90 22.96
C VAL A 38 6.24 -2.96 22.87
N ASN A 39 5.03 -3.49 23.09
CA ASN A 39 3.79 -2.79 22.73
C ASN A 39 3.14 -2.06 23.89
N VAL A 40 2.38 -1.00 23.53
CA VAL A 40 1.58 -0.18 24.43
C VAL A 40 0.26 0.15 23.75
N THR A 41 -0.85 0.11 24.48
CA THR A 41 -2.13 0.53 23.94
C THR A 41 -2.72 1.59 24.86
N TRP A 42 -3.03 2.77 24.27
CA TRP A 42 -3.69 3.86 24.98
C TRP A 42 -5.14 4.06 24.52
N ARG A 43 -6.04 4.38 25.50
CA ARG A 43 -7.39 4.86 25.24
C ARG A 43 -7.42 6.35 25.50
N ILE A 44 -8.00 7.12 24.58
CA ILE A 44 -7.81 8.56 24.56
C ILE A 44 -9.14 9.25 24.28
N LYS A 45 -9.37 10.35 25.01
CA LYS A 45 -10.59 11.14 24.87
C LYS A 45 -10.17 12.54 24.38
N LEU A 46 -10.79 12.99 23.28
CA LEU A 46 -10.48 14.28 22.65
C LEU A 46 -11.51 15.32 23.04
N ASN A 47 -11.10 16.59 23.15
CA ASN A 47 -12.02 17.71 23.33
C ASN A 47 -12.61 18.18 22.00
N ALA A 48 -11.96 17.87 20.88
CA ALA A 48 -12.51 18.19 19.58
C ALA A 48 -12.34 17.01 18.62
N PRO A 49 -13.33 16.78 17.71
CA PRO A 49 -13.35 15.59 16.87
C PRO A 49 -12.14 15.48 15.96
N TYR A 50 -11.77 14.24 15.63
CA TYR A 50 -10.74 13.93 14.65
C TYR A 50 -11.29 12.85 13.72
N GLN A 51 -11.54 13.21 12.47
CA GLN A 51 -12.17 12.31 11.52
C GLN A 51 -13.48 11.80 12.08
N GLY A 52 -14.13 12.63 12.90
CA GLY A 52 -15.51 12.42 13.27
C GLY A 52 -15.64 11.78 14.64
N HIS A 53 -14.49 11.48 15.28
CA HIS A 53 -14.43 10.64 16.48
C HIS A 53 -13.90 11.47 17.64
N THR A 54 -14.49 11.30 18.84
CA THR A 54 -13.96 11.95 20.04
C THR A 54 -13.16 10.95 20.87
N SER A 55 -13.22 9.67 20.53
CA SER A 55 -12.41 8.71 21.26
C SER A 55 -11.80 7.69 20.32
N ILE A 56 -10.52 7.43 20.60
CA ILE A 56 -9.62 6.76 19.70
C ILE A 56 -8.68 5.89 20.56
N ILE A 57 -8.01 4.91 19.94
CA ILE A 57 -6.91 4.23 20.61
C ILE A 57 -5.65 4.47 19.78
N LEU A 58 -4.49 4.47 20.46
CA LEU A 58 -3.18 4.52 19.83
C LEU A 58 -2.35 3.33 20.30
N LYS A 59 -1.77 2.59 19.35
CA LYS A 59 -0.91 1.44 19.64
C LYS A 59 0.52 1.83 19.27
N HIS A 60 1.53 1.34 20.01
CA HIS A 60 2.91 1.71 19.73
C HIS A 60 3.92 0.58 19.96
N ALA A 61 4.61 0.19 18.90
CA ALA A 61 5.74 -0.71 18.99
C ALA A 61 7.01 0.06 19.32
N GLN A 62 7.76 -0.41 20.33
CA GLN A 62 9.05 0.18 20.67
C GLN A 62 10.12 -0.55 19.87
N PRO A 63 10.93 0.14 19.04
CA PRO A 63 12.02 -0.54 18.35
C PRO A 63 13.14 -0.89 19.34
N HIS A 64 13.97 -1.86 18.94
CA HIS A 64 15.15 -2.28 19.69
C HIS A 64 14.75 -3.03 20.97
N MET A 65 13.52 -3.57 21.02
CA MET A 65 13.19 -4.47 22.12
C MET A 65 12.78 -5.84 21.56
N SER A 66 13.26 -6.16 20.35
CA SER A 66 13.08 -7.47 19.76
C SER A 66 14.17 -7.63 18.71
N THR A 67 14.31 -8.82 18.13
CA THR A 67 15.28 -8.96 17.05
C THR A 67 14.79 -8.09 15.89
N ASP A 68 15.71 -7.83 14.94
CA ASP A 68 15.40 -7.07 13.75
C ASP A 68 14.35 -7.79 12.90
N GLU A 69 14.47 -9.11 12.81
CA GLU A 69 13.57 -9.96 12.05
C GLU A 69 12.15 -9.93 12.63
N ASP A 70 12.03 -10.03 13.96
CA ASP A 70 10.73 -10.07 14.60
C ASP A 70 10.04 -8.71 14.50
N PHE A 71 10.82 -7.63 14.62
CA PHE A 71 10.24 -6.29 14.61
C PHE A 71 9.72 -5.96 13.21
N LYS A 72 10.45 -6.42 12.18
CA LYS A 72 10.06 -6.24 10.79
C LYS A 72 8.73 -6.95 10.49
N ILE A 73 8.56 -8.20 10.93
CA ILE A 73 7.33 -8.94 10.65
C ILE A 73 6.15 -8.33 11.39
N GLY A 74 6.40 -7.76 12.56
CA GLY A 74 5.35 -7.11 13.30
C GLY A 74 4.79 -5.90 12.55
N VAL A 75 5.70 -5.07 11.99
CA VAL A 75 5.31 -3.91 11.20
C VAL A 75 4.50 -4.36 9.98
N GLU A 76 4.97 -5.42 9.29
CA GLU A 76 4.22 -5.96 8.17
C GLU A 76 2.80 -6.30 8.59
N ARG A 77 2.64 -6.95 9.75
CA ARG A 77 1.31 -7.35 10.19
C ARG A 77 0.44 -6.13 10.38
N SER A 78 0.98 -5.08 11.02
CA SER A 78 0.26 -3.82 11.23
C SER A 78 -0.27 -3.26 9.91
N VAL A 79 0.63 -3.19 8.91
CA VAL A 79 0.27 -2.51 7.69
C VAL A 79 -0.89 -3.26 7.03
N TYR A 80 -0.82 -4.60 6.94
CA TYR A 80 -1.89 -5.36 6.33
C TYR A 80 -3.19 -5.13 7.10
N GLU A 81 -3.11 -5.12 8.44
CA GLU A 81 -4.30 -4.87 9.27
C GLU A 81 -4.85 -3.49 8.96
N TYR A 82 -3.99 -2.47 8.96
CA TYR A 82 -4.41 -1.11 8.70
C TYR A 82 -4.95 -0.99 7.28
N GLN A 83 -4.19 -1.49 6.29
CA GLN A 83 -4.62 -1.31 4.91
C GLN A 83 -5.90 -2.10 4.64
N ALA A 84 -6.09 -3.27 5.28
CA ALA A 84 -7.31 -4.06 5.08
C ALA A 84 -8.55 -3.26 5.49
N ILE A 85 -8.44 -2.61 6.64
CA ILE A 85 -9.51 -1.81 7.19
C ILE A 85 -9.79 -0.62 6.29
N LYS A 86 -8.75 0.03 5.74
CA LYS A 86 -8.96 1.08 4.74
C LYS A 86 -9.75 0.58 3.51
N LEU A 87 -9.43 -0.62 3.01
CA LEU A 87 -10.16 -1.16 1.88
C LEU A 87 -11.65 -1.28 2.18
N MET A 88 -12.05 -1.71 3.39
CA MET A 88 -13.46 -1.88 3.72
C MET A 88 -14.14 -0.53 3.93
N MET A 89 -13.42 0.47 4.44
CA MET A 89 -13.97 1.82 4.55
C MET A 89 -14.28 2.36 3.16
N ALA A 90 -13.48 1.97 2.15
CA ALA A 90 -13.64 2.50 0.80
C ALA A 90 -14.74 1.77 0.05
N ASN A 91 -15.03 0.54 0.45
CA ASN A 91 -16.03 -0.28 -0.21
C ASN A 91 -17.25 -0.49 0.71
N ARG A 92 -17.47 0.48 1.60
CA ARG A 92 -18.44 0.36 2.67
C ARG A 92 -19.84 0.17 2.10
N GLU A 93 -20.08 0.75 0.94
CA GLU A 93 -21.42 0.88 0.40
C GLU A 93 -21.88 -0.46 -0.15
N VAL A 94 -21.03 -1.10 -0.96
CA VAL A 94 -21.41 -2.32 -1.65
C VAL A 94 -21.23 -3.54 -0.74
N LEU A 95 -20.58 -3.36 0.42
CA LEU A 95 -20.35 -4.46 1.36
C LEU A 95 -21.34 -4.45 2.52
N GLY A 96 -21.44 -3.30 3.20
CA GLY A 96 -22.42 -3.14 4.28
C GLY A 96 -23.87 -3.21 3.80
N GLY A 97 -24.10 -3.46 2.51
CA GLY A 97 -25.42 -3.87 2.02
C GLY A 97 -26.44 -2.73 2.05
N VAL A 98 -27.72 -3.05 1.81
CA VAL A 98 -28.79 -2.07 1.70
C VAL A 98 -29.02 -1.39 3.05
N ASP A 99 -29.42 -2.17 4.06
CA ASP A 99 -29.77 -1.67 5.37
C ASP A 99 -28.87 -2.31 6.43
N GLY A 100 -27.62 -2.63 6.06
CA GLY A 100 -26.79 -3.55 6.82
C GLY A 100 -26.00 -2.90 7.96
N ILE A 101 -25.60 -3.74 8.92
CA ILE A 101 -25.17 -3.29 10.23
C ILE A 101 -23.74 -3.78 10.54
N VAL A 102 -23.14 -4.49 9.58
CA VAL A 102 -21.80 -5.02 9.72
C VAL A 102 -20.80 -3.92 9.37
N SER A 103 -19.76 -3.78 10.18
CA SER A 103 -18.80 -2.73 9.94
C SER A 103 -17.48 -3.07 10.63
N VAL A 104 -16.49 -2.23 10.34
CA VAL A 104 -15.11 -2.41 10.72
C VAL A 104 -14.72 -1.17 11.50
N PRO A 105 -13.92 -1.28 12.57
CA PRO A 105 -13.50 -0.08 13.32
C PRO A 105 -12.60 0.75 12.43
N GLU A 106 -12.93 2.03 12.23
CA GLU A 106 -12.22 2.83 11.25
C GLU A 106 -10.77 2.99 11.68
N GLY A 107 -9.87 2.94 10.69
CA GLY A 107 -8.50 3.35 10.91
C GLY A 107 -8.29 4.80 10.47
N LEU A 108 -7.58 5.58 11.30
CA LEU A 108 -7.54 7.03 11.15
C LEU A 108 -6.17 7.51 10.66
N ASN A 109 -5.08 6.92 11.17
CA ASN A 109 -3.73 7.40 10.91
C ASN A 109 -2.71 6.29 11.19
N TYR A 110 -1.72 6.09 10.32
CA TYR A 110 -0.64 5.17 10.65
C TYR A 110 0.70 5.80 10.32
N ASP A 111 1.45 6.15 11.38
CA ASP A 111 2.71 6.86 11.35
C ASP A 111 3.88 5.88 11.45
N LEU A 112 4.47 5.52 10.31
CA LEU A 112 5.52 4.51 10.28
C LEU A 112 6.82 5.07 10.86
N GLU A 113 6.98 6.40 10.95
CA GLU A 113 8.17 7.02 11.51
C GLU A 113 8.22 6.85 13.03
N ASN A 114 7.10 7.09 13.74
CA ASN A 114 7.01 6.96 15.19
C ASN A 114 6.31 5.67 15.65
N ASN A 115 5.99 4.76 14.74
CA ASN A 115 5.41 3.47 15.08
C ASN A 115 4.16 3.66 15.92
N ALA A 116 3.19 4.34 15.34
CA ALA A 116 2.04 4.83 16.07
C ALA A 116 0.82 4.79 15.17
N LEU A 117 -0.13 3.92 15.55
CA LEU A 117 -1.31 3.63 14.76
C LEU A 117 -2.51 4.17 15.51
N ILE A 118 -3.39 4.94 14.87
CA ILE A 118 -4.58 5.41 15.55
C ILE A 118 -5.84 4.88 14.89
N MET A 119 -6.74 4.36 15.73
CA MET A 119 -7.95 3.69 15.32
C MET A 119 -9.11 4.27 16.12
N GLN A 120 -10.32 4.12 15.56
CA GLN A 120 -11.55 4.31 16.30
C GLN A 120 -11.59 3.43 17.55
N ASP A 121 -12.03 4.00 18.68
CA ASP A 121 -12.27 3.25 19.91
C ASP A 121 -13.71 2.76 19.92
N VAL A 122 -13.92 1.44 19.94
CA VAL A 122 -15.26 0.88 19.82
C VAL A 122 -16.03 1.05 21.14
N GLY A 123 -15.35 0.86 22.26
CA GLY A 123 -16.00 0.78 23.56
C GLY A 123 -15.61 -0.55 24.21
N LYS A 124 -16.22 -0.85 25.36
CA LYS A 124 -15.91 -2.06 26.10
C LYS A 124 -16.90 -3.16 25.74
N MET A 125 -17.32 -3.19 24.47
CA MET A 125 -18.29 -4.18 23.98
C MET A 125 -17.85 -5.61 24.27
N LYS A 126 -18.84 -6.50 24.31
CA LYS A 126 -18.61 -7.91 24.55
C LYS A 126 -18.54 -8.63 23.20
N THR A 127 -17.77 -9.71 23.13
CA THR A 127 -17.71 -10.48 21.90
C THR A 127 -18.97 -11.32 21.75
N LEU A 128 -19.16 -11.85 20.54
CA LEU A 128 -20.14 -12.88 20.25
C LEU A 128 -19.91 -14.06 21.20
N LEU A 129 -18.63 -14.46 21.30
CA LEU A 129 -18.18 -15.56 22.15
C LEU A 129 -18.64 -15.36 23.59
N ASP A 130 -18.63 -14.11 24.06
CA ASP A 130 -19.09 -13.80 25.40
C ASP A 130 -20.60 -14.05 25.53
N TYR A 131 -21.37 -13.60 24.52
CA TYR A 131 -22.83 -13.69 24.56
C TYR A 131 -23.29 -15.15 24.46
N VAL A 132 -22.54 -16.02 23.78
CA VAL A 132 -23.01 -17.39 23.54
C VAL A 132 -22.54 -18.32 24.65
N THR A 133 -21.72 -17.85 25.58
CA THR A 133 -21.25 -18.72 26.65
C THR A 133 -21.91 -18.32 27.97
N ALA A 134 -22.61 -17.18 27.97
CA ALA A 134 -23.33 -16.73 29.14
C ALA A 134 -24.54 -17.63 29.35
N LYS A 135 -24.95 -17.77 30.61
CA LYS A 135 -26.14 -18.49 31.02
C LYS A 135 -27.05 -17.49 31.72
N PRO A 136 -28.16 -17.00 31.10
CA PRO A 136 -28.72 -17.55 29.87
C PRO A 136 -27.98 -17.09 28.62
N PRO A 137 -28.23 -17.75 27.47
CA PRO A 137 -27.56 -17.39 26.22
C PRO A 137 -28.30 -16.29 25.47
N LEU A 138 -27.67 -15.82 24.40
CA LEU A 138 -28.14 -14.78 23.50
C LEU A 138 -29.53 -15.12 22.95
N ALA A 139 -30.46 -14.17 23.00
CA ALA A 139 -31.78 -14.38 22.40
C ALA A 139 -31.64 -14.99 21.00
N THR A 140 -32.59 -15.84 20.60
CA THR A 140 -32.47 -16.56 19.34
C THR A 140 -32.81 -15.63 18.17
N ASP A 141 -33.66 -14.61 18.39
CA ASP A 141 -33.97 -13.64 17.34
C ASP A 141 -32.69 -12.91 16.92
N ILE A 142 -31.83 -12.62 17.91
CA ILE A 142 -30.60 -11.90 17.68
C ILE A 142 -29.57 -12.81 17.01
N ALA A 143 -29.59 -14.09 17.32
CA ALA A 143 -28.66 -15.03 16.71
C ALA A 143 -28.95 -15.24 15.23
N ARG A 144 -30.24 -15.25 14.85
CA ARG A 144 -30.66 -15.36 13.46
C ARG A 144 -30.12 -14.18 12.65
N LEU A 145 -30.19 -12.97 13.21
CA LEU A 145 -29.88 -11.74 12.48
C LEU A 145 -28.38 -11.65 12.22
N VAL A 146 -27.58 -11.87 13.28
CA VAL A 146 -26.14 -12.01 13.15
C VAL A 146 -25.78 -12.97 12.01
N GLY A 147 -26.37 -14.16 11.99
CA GLY A 147 -26.05 -15.10 10.93
C GLY A 147 -26.36 -14.54 9.54
N THR A 148 -27.52 -13.90 9.42
CA THR A 148 -28.01 -13.41 8.14
C THR A 148 -27.12 -12.28 7.63
N GLU A 149 -26.61 -11.46 8.55
CA GLU A 149 -25.86 -10.27 8.20
C GLU A 149 -24.41 -10.61 7.83
N ILE A 150 -23.80 -11.47 8.62
CA ILE A 150 -22.44 -11.90 8.33
C ILE A 150 -22.38 -12.74 7.06
N GLY A 151 -23.39 -13.57 6.81
CA GLY A 151 -23.43 -14.34 5.57
C GLY A 151 -23.43 -13.41 4.34
N GLY A 152 -24.21 -12.33 4.42
CA GLY A 152 -24.38 -11.39 3.33
C GLY A 152 -23.15 -10.53 3.11
N PHE A 153 -22.53 -10.06 4.21
CA PHE A 153 -21.26 -9.39 4.16
C PHE A 153 -20.22 -10.28 3.48
N VAL A 154 -20.03 -11.51 3.98
CA VAL A 154 -18.96 -12.38 3.52
C VAL A 154 -19.16 -12.72 2.04
N ALA A 155 -20.42 -12.93 1.62
CA ALA A 155 -20.73 -13.16 0.22
C ALA A 155 -20.38 -11.93 -0.65
N ARG A 156 -20.74 -10.74 -0.19
CA ARG A 156 -20.45 -9.54 -0.95
C ARG A 156 -18.93 -9.37 -1.04
N LEU A 157 -18.22 -9.73 0.03
CA LEU A 157 -16.77 -9.63 0.08
C LEU A 157 -16.15 -10.51 -1.00
N HIS A 158 -16.62 -11.77 -1.09
CA HIS A 158 -16.03 -12.75 -1.97
C HIS A 158 -16.37 -12.41 -3.43
N ASN A 159 -17.51 -11.75 -3.65
CA ASN A 159 -17.94 -11.36 -4.99
C ASN A 159 -17.04 -10.25 -5.53
N ILE A 160 -16.84 -9.21 -4.71
CA ILE A 160 -16.05 -8.06 -5.11
C ILE A 160 -14.59 -8.49 -5.28
N GLY A 161 -14.14 -9.51 -4.56
CA GLY A 161 -12.74 -9.91 -4.59
C GLY A 161 -12.41 -10.70 -5.86
N ARG A 162 -13.45 -11.26 -6.47
CA ARG A 162 -13.27 -11.94 -7.75
C ARG A 162 -13.20 -10.88 -8.87
N GLU A 163 -14.17 -9.95 -8.90
CA GLU A 163 -14.29 -9.02 -10.01
C GLU A 163 -13.23 -7.92 -9.95
N ARG A 164 -12.64 -7.61 -8.79
CA ARG A 164 -11.59 -6.60 -8.72
C ARG A 164 -10.23 -7.25 -8.45
N ARG A 165 -10.12 -8.56 -8.73
CA ARG A 165 -8.91 -9.34 -8.48
C ARG A 165 -7.65 -8.65 -8.99
N ASP A 166 -7.73 -7.91 -10.12
CA ASP A 166 -6.53 -7.41 -10.76
C ASP A 166 -6.21 -5.97 -10.42
N ASP A 167 -7.13 -5.25 -9.77
CA ASP A 167 -6.83 -3.90 -9.29
C ASP A 167 -5.70 -3.98 -8.28
N PRO A 168 -4.77 -3.02 -8.24
CA PRO A 168 -3.54 -3.19 -7.44
C PRO A 168 -3.66 -3.20 -5.92
N GLU A 169 -4.63 -2.44 -5.39
CA GLU A 169 -5.01 -2.46 -3.97
C GLU A 169 -5.61 -3.79 -3.55
N PHE A 170 -6.13 -4.58 -4.49
CA PHE A 170 -6.65 -5.91 -4.16
C PHE A 170 -5.50 -6.90 -4.24
N LYS A 171 -4.66 -6.81 -5.28
CA LYS A 171 -3.53 -7.72 -5.43
C LYS A 171 -2.53 -7.54 -4.29
N PHE A 172 -2.58 -6.42 -3.59
CA PHE A 172 -1.68 -6.20 -2.48
C PHE A 172 -1.84 -7.33 -1.45
N PHE A 173 -3.08 -7.79 -1.23
CA PHE A 173 -3.39 -8.77 -0.20
C PHE A 173 -3.06 -10.20 -0.67
N SER A 174 -3.07 -10.44 -1.98
CA SER A 174 -2.52 -11.68 -2.50
C SER A 174 -1.07 -11.85 -2.01
N GLY A 175 -0.35 -10.75 -1.79
CA GLY A 175 1.05 -10.82 -1.40
C GLY A 175 1.29 -10.86 0.11
N ASN A 176 0.24 -11.15 0.89
CA ASN A 176 0.33 -11.21 2.34
C ASN A 176 0.83 -12.58 2.77
N ILE A 177 2.14 -12.81 2.55
CA ILE A 177 2.75 -14.13 2.66
C ILE A 177 2.88 -14.49 4.13
N VAL A 178 3.19 -13.50 4.96
CA VAL A 178 3.16 -13.66 6.40
C VAL A 178 1.81 -14.22 6.84
N GLY A 179 0.73 -13.75 6.20
CA GLY A 179 -0.65 -14.13 6.55
C GLY A 179 -1.00 -15.54 6.09
N ARG A 180 -0.51 -15.94 4.91
CA ARG A 180 -0.67 -17.28 4.37
C ARG A 180 0.15 -18.30 5.17
N THR A 181 1.30 -17.89 5.71
CA THR A 181 2.17 -18.75 6.49
C THR A 181 1.53 -19.07 7.84
N THR A 182 0.93 -18.08 8.51
CA THR A 182 0.19 -18.30 9.74
C THR A 182 -0.89 -19.36 9.51
N SER A 183 -1.61 -19.31 8.38
CA SER A 183 -2.62 -20.31 8.10
C SER A 183 -2.01 -21.72 8.03
N ASP A 184 -0.88 -21.83 7.33
CA ASP A 184 -0.10 -23.05 7.21
C ASP A 184 0.27 -23.63 8.59
N GLN A 185 1.00 -22.84 9.40
CA GLN A 185 1.38 -23.22 10.75
C GLN A 185 0.18 -23.78 11.53
N LEU A 186 -1.01 -23.17 11.35
CA LEU A 186 -2.23 -23.63 12.00
C LEU A 186 -2.64 -25.01 11.50
N TYR A 187 -2.52 -25.25 10.19
CA TYR A 187 -2.95 -26.50 9.60
C TYR A 187 -2.02 -27.65 9.99
N GLN A 188 -0.87 -27.32 10.58
CA GLN A 188 0.14 -28.32 10.92
C GLN A 188 -0.16 -28.94 12.27
N THR A 189 -1.14 -28.41 13.01
CA THR A 189 -1.45 -28.92 14.33
C THR A 189 -2.54 -29.99 14.24
N ILE A 190 -3.01 -30.31 13.03
CA ILE A 190 -4.11 -31.23 12.84
C ILE A 190 -3.68 -32.63 13.24
N ILE A 191 -2.51 -33.04 12.76
CA ILE A 191 -1.98 -34.35 13.04
C ILE A 191 -1.58 -34.49 14.52
N PRO A 192 -0.88 -33.52 15.16
CA PRO A 192 -0.64 -33.56 16.61
C PRO A 192 -1.88 -33.65 17.50
N ASN A 193 -2.90 -32.85 17.17
CA ASN A 193 -4.11 -32.75 17.97
C ASN A 193 -4.92 -34.04 17.93
N ALA A 194 -4.86 -34.74 16.80
CA ALA A 194 -5.42 -36.08 16.66
C ALA A 194 -4.62 -37.04 17.52
N ALA A 195 -3.32 -37.20 17.19
CA ALA A 195 -2.41 -38.07 17.92
C ALA A 195 -2.64 -37.97 19.44
N LYS A 196 -2.77 -36.75 19.97
CA LYS A 196 -2.96 -36.54 21.40
C LYS A 196 -4.23 -37.18 21.93
N TYR A 197 -5.25 -37.35 21.10
CA TYR A 197 -6.55 -37.85 21.56
C TYR A 197 -6.78 -39.30 21.13
N GLY A 198 -5.73 -40.00 20.70
CA GLY A 198 -5.85 -41.41 20.38
C GLY A 198 -6.06 -41.66 18.89
N VAL A 199 -6.48 -40.62 18.14
CA VAL A 199 -6.74 -40.74 16.71
C VAL A 199 -5.47 -40.48 15.92
N ASP A 200 -5.34 -41.24 14.84
CA ASP A 200 -4.05 -41.45 14.21
C ASP A 200 -4.29 -41.86 12.75
N ASP A 201 -5.34 -41.32 12.15
CA ASP A 201 -5.79 -41.79 10.85
C ASP A 201 -4.73 -41.46 9.81
N PRO A 202 -4.30 -42.43 8.97
CA PRO A 202 -3.27 -42.19 7.95
C PRO A 202 -3.72 -41.44 6.69
N LEU A 203 -4.95 -40.92 6.70
CA LEU A 203 -5.42 -40.02 5.67
C LEU A 203 -4.93 -38.59 5.94
N LEU A 204 -4.67 -38.26 7.22
CA LEU A 204 -4.49 -36.89 7.65
C LEU A 204 -3.27 -36.22 7.00
N PRO A 205 -2.12 -36.91 6.87
CA PRO A 205 -1.00 -36.40 6.05
C PRO A 205 -1.37 -35.79 4.72
N THR A 206 -2.22 -36.51 3.96
CA THR A 206 -2.65 -36.11 2.63
C THR A 206 -3.55 -34.88 2.72
N VAL A 207 -4.45 -34.86 3.70
CA VAL A 207 -5.47 -33.84 3.81
C VAL A 207 -4.82 -32.53 4.20
N VAL A 208 -3.78 -32.64 5.03
CA VAL A 208 -3.03 -31.48 5.49
C VAL A 208 -2.24 -30.87 4.31
N LYS A 209 -1.51 -31.72 3.58
CA LYS A 209 -0.84 -31.34 2.35
C LYS A 209 -1.74 -30.49 1.45
N ASP A 210 -3.00 -30.93 1.24
CA ASP A 210 -3.88 -30.25 0.30
C ASP A 210 -4.32 -28.91 0.86
N LEU A 211 -4.63 -28.87 2.15
CA LEU A 211 -5.00 -27.60 2.78
C LEU A 211 -3.84 -26.61 2.72
N VAL A 212 -2.60 -27.08 2.94
CA VAL A 212 -1.46 -26.19 3.00
C VAL A 212 -1.20 -25.58 1.61
N ASP A 213 -1.24 -26.39 0.55
CA ASP A 213 -1.04 -25.91 -0.81
C ASP A 213 -2.10 -24.89 -1.23
N ASP A 214 -3.37 -25.17 -0.94
CA ASP A 214 -4.43 -24.26 -1.33
C ASP A 214 -4.15 -22.87 -0.73
N VAL A 215 -3.73 -22.83 0.53
CA VAL A 215 -3.66 -21.57 1.24
C VAL A 215 -2.41 -20.81 0.84
N MET A 216 -1.34 -21.53 0.47
CA MET A 216 -0.12 -20.88 0.04
C MET A 216 -0.21 -20.37 -1.41
N HIS A 217 -1.06 -20.97 -2.26
CA HIS A 217 -1.04 -20.68 -3.69
C HIS A 217 -2.37 -20.15 -4.24
N SER A 218 -3.50 -20.37 -3.60
CA SER A 218 -4.77 -19.96 -4.18
C SER A 218 -4.85 -18.44 -4.36
N GLU A 219 -5.44 -18.00 -5.48
CA GLU A 219 -5.77 -16.60 -5.72
C GLU A 219 -7.26 -16.48 -6.08
N GLU A 220 -8.11 -17.31 -5.44
CA GLU A 220 -9.52 -17.44 -5.80
C GLU A 220 -10.26 -16.13 -5.49
N THR A 221 -10.27 -15.68 -4.24
CA THR A 221 -10.95 -14.44 -3.88
C THR A 221 -10.32 -13.86 -2.63
N LEU A 222 -10.85 -12.71 -2.22
CA LEU A 222 -10.40 -12.07 -1.00
C LEU A 222 -11.16 -12.65 0.20
N VAL A 223 -10.44 -13.07 1.23
CA VAL A 223 -11.01 -13.74 2.41
C VAL A 223 -10.65 -12.97 3.68
N MET A 224 -11.61 -12.87 4.59
CA MET A 224 -11.40 -12.21 5.86
C MET A 224 -10.32 -12.92 6.69
N ALA A 225 -10.34 -14.27 6.69
CA ALA A 225 -9.27 -15.13 7.18
C ALA A 225 -9.21 -15.27 8.72
N ASP A 226 -10.14 -14.67 9.48
CA ASP A 226 -10.19 -14.86 10.93
C ASP A 226 -11.62 -14.63 11.45
N LEU A 227 -12.57 -15.35 10.86
CA LEU A 227 -13.99 -15.09 11.08
C LEU A 227 -14.58 -16.14 12.03
N TRP A 228 -14.27 -15.96 13.32
CA TRP A 228 -14.84 -16.70 14.42
C TRP A 228 -15.34 -15.71 15.47
N SER A 229 -16.06 -16.26 16.47
CA SER A 229 -16.90 -15.50 17.38
C SER A 229 -16.09 -14.72 18.40
N GLY A 230 -14.83 -15.12 18.62
CA GLY A 230 -13.92 -14.40 19.49
C GLY A 230 -13.41 -13.09 18.88
N ASN A 231 -13.55 -12.97 17.54
CA ASN A 231 -13.08 -11.81 16.78
C ASN A 231 -14.25 -10.98 16.25
N ILE A 232 -15.44 -11.13 16.87
CA ILE A 232 -16.64 -10.43 16.46
C ILE A 232 -17.30 -9.76 17.65
N LEU A 233 -17.50 -8.44 17.59
CA LEU A 233 -18.16 -7.70 18.65
C LEU A 233 -19.61 -7.45 18.27
N LEU A 234 -20.46 -7.32 19.30
CA LEU A 234 -21.88 -7.01 19.15
C LEU A 234 -22.18 -5.72 19.90
N GLN A 235 -22.76 -4.72 19.23
CA GLN A 235 -23.19 -3.52 19.92
C GLN A 235 -24.70 -3.60 20.17
N LEU A 236 -25.08 -3.76 21.44
CA LEU A 236 -26.49 -3.84 21.80
C LEU A 236 -26.97 -2.45 22.15
N GLU A 237 -28.30 -2.26 22.15
CA GLU A 237 -28.86 -0.94 22.41
C GLU A 237 -28.55 -0.55 23.85
N GLU A 238 -28.08 0.69 24.04
CA GLU A 238 -27.65 1.20 25.34
C GLU A 238 -28.88 1.42 26.22
N GLY A 239 -29.41 0.34 26.79
CA GLY A 239 -30.66 0.39 27.54
C GLY A 239 -31.51 -0.86 27.29
N ASN A 240 -32.08 -0.99 26.09
CA ASN A 240 -32.83 -2.19 25.73
C ASN A 240 -31.80 -3.26 25.35
N PRO A 241 -31.64 -4.35 26.13
CA PRO A 241 -30.68 -5.41 25.79
C PRO A 241 -31.19 -6.32 24.67
N SER A 242 -32.18 -5.85 23.92
CA SER A 242 -32.99 -6.68 23.03
C SER A 242 -32.93 -6.20 21.58
N LYS A 243 -32.20 -5.10 21.30
CA LYS A 243 -32.08 -4.55 19.96
C LYS A 243 -30.60 -4.45 19.55
N LEU A 244 -30.25 -5.17 18.49
CA LEU A 244 -28.90 -5.14 17.94
C LEU A 244 -28.69 -3.88 17.11
N GLN A 245 -27.55 -3.18 17.27
CA GLN A 245 -27.27 -1.99 16.47
C GLN A 245 -26.15 -2.24 15.47
N LYS A 246 -25.03 -2.83 15.89
CA LYS A 246 -23.90 -3.02 14.99
C LYS A 246 -23.16 -4.32 15.29
N ILE A 247 -22.55 -4.87 14.25
CA ILE A 247 -21.60 -5.97 14.36
C ILE A 247 -20.23 -5.48 13.89
N TYR A 248 -19.17 -5.62 14.69
CA TYR A 248 -17.85 -5.23 14.24
C TYR A 248 -16.95 -6.46 14.09
N ILE A 249 -16.21 -6.48 12.98
CA ILE A 249 -15.16 -7.47 12.76
C ILE A 249 -13.80 -6.81 12.99
N LEU A 250 -13.04 -7.34 13.95
CA LEU A 250 -12.02 -6.52 14.58
C LEU A 250 -10.63 -6.69 13.93
N ASP A 251 -10.12 -7.92 13.89
CA ASP A 251 -8.73 -8.16 13.53
C ASP A 251 -8.66 -8.66 12.09
N TRP A 252 -7.96 -7.90 11.21
CA TRP A 252 -7.88 -8.21 9.80
C TRP A 252 -6.46 -8.56 9.36
N GLU A 253 -5.52 -8.77 10.30
CA GLU A 253 -4.12 -9.13 10.02
C GLU A 253 -3.93 -10.26 9.00
N LEU A 254 -4.87 -11.20 8.92
CA LEU A 254 -4.65 -12.38 8.10
C LEU A 254 -5.33 -12.24 6.74
N CYS A 255 -5.94 -11.07 6.46
CA CYS A 255 -6.69 -10.84 5.23
C CYS A 255 -5.80 -11.10 4.02
N LYS A 256 -6.34 -11.79 3.00
CA LYS A 256 -5.52 -12.26 1.89
C LYS A 256 -6.35 -12.82 0.73
N TYR A 257 -5.68 -13.25 -0.33
CA TYR A 257 -6.31 -14.04 -1.37
C TYR A 257 -6.20 -15.50 -0.94
N GLY A 258 -7.29 -16.24 -1.14
CA GLY A 258 -7.36 -17.65 -0.81
C GLY A 258 -8.69 -18.26 -1.25
N PRO A 259 -8.95 -19.53 -0.91
CA PRO A 259 -10.23 -20.14 -1.29
C PRO A 259 -11.39 -19.55 -0.49
N ALA A 260 -12.59 -19.49 -1.11
CA ALA A 260 -13.78 -19.03 -0.40
C ALA A 260 -14.07 -19.89 0.85
N SER A 261 -13.79 -21.20 0.77
CA SER A 261 -14.14 -22.16 1.81
C SER A 261 -13.43 -21.86 3.14
N LEU A 262 -12.36 -21.06 3.12
CA LEU A 262 -11.63 -20.83 4.34
C LEU A 262 -12.50 -20.02 5.31
N ASP A 263 -13.25 -19.05 4.78
CA ASP A 263 -14.11 -18.21 5.58
C ASP A 263 -15.34 -19.01 6.05
N LEU A 264 -15.84 -19.94 5.23
CA LEU A 264 -16.99 -20.74 5.63
C LEU A 264 -16.60 -21.75 6.72
N GLY A 265 -15.43 -22.40 6.57
CA GLY A 265 -14.87 -23.27 7.58
C GLY A 265 -14.70 -22.59 8.96
N TYR A 266 -14.26 -21.34 9.00
CA TYR A 266 -13.98 -20.70 10.28
C TYR A 266 -15.29 -20.54 11.02
N PHE A 267 -16.31 -20.06 10.30
CA PHE A 267 -17.48 -19.52 10.97
C PHE A 267 -18.47 -20.65 11.21
N LEU A 268 -18.67 -21.48 10.19
CA LEU A 268 -19.51 -22.65 10.35
C LEU A 268 -18.89 -23.60 11.37
N GLY A 269 -17.57 -23.75 11.32
CA GLY A 269 -16.87 -24.56 12.29
C GLY A 269 -17.17 -24.14 13.73
N ASP A 270 -17.14 -22.81 13.95
CA ASP A 270 -17.32 -22.25 15.28
C ASP A 270 -18.76 -22.46 15.74
N CYS A 271 -19.71 -22.40 14.79
CA CYS A 271 -21.11 -22.72 15.03
C CYS A 271 -21.30 -24.18 15.53
N TYR A 272 -20.54 -25.10 14.94
CA TYR A 272 -20.60 -26.50 15.31
C TYR A 272 -20.13 -26.65 16.77
N LEU A 273 -19.03 -25.99 17.14
CA LEU A 273 -18.54 -26.02 18.51
C LEU A 273 -19.57 -25.47 19.49
N ILE A 274 -20.28 -24.42 19.11
CA ILE A 274 -21.25 -23.78 19.97
C ILE A 274 -22.47 -24.68 20.14
N SER A 275 -22.88 -25.35 19.05
CA SER A 275 -24.04 -26.23 19.09
C SER A 275 -23.84 -27.39 20.05
N ARG A 276 -22.60 -27.87 20.14
CA ARG A 276 -22.27 -29.12 20.82
C ARG A 276 -22.10 -28.91 22.33
N PHE A 277 -21.43 -27.79 22.68
CA PHE A 277 -21.01 -27.54 24.05
C PHE A 277 -21.63 -26.33 24.73
N GLN A 278 -22.66 -25.66 24.17
CA GLN A 278 -23.14 -24.42 24.76
C GLN A 278 -24.65 -24.27 24.65
N ASP A 279 -25.14 -24.11 23.41
CA ASP A 279 -26.57 -24.00 23.13
C ASP A 279 -26.78 -24.45 21.69
N GLU A 280 -27.58 -25.51 21.53
CA GLU A 280 -27.85 -26.13 20.26
C GLU A 280 -28.68 -25.22 19.35
N GLN A 281 -29.63 -24.51 19.93
CA GLN A 281 -30.53 -23.66 19.17
C GLN A 281 -29.84 -22.37 18.73
N VAL A 282 -28.92 -21.84 19.54
CA VAL A 282 -28.21 -20.65 19.14
C VAL A 282 -27.21 -20.99 18.02
N GLY A 283 -26.41 -22.03 18.23
CA GLY A 283 -25.44 -22.44 17.23
C GLY A 283 -26.09 -22.85 15.92
N THR A 284 -27.31 -23.37 15.96
CA THR A 284 -27.90 -23.98 14.77
C THR A 284 -28.69 -22.94 13.97
N THR A 285 -29.41 -22.06 14.65
CA THR A 285 -30.02 -20.91 14.03
C THR A 285 -28.97 -20.13 13.22
N MET A 286 -27.88 -19.76 13.90
CA MET A 286 -26.82 -18.91 13.39
C MET A 286 -26.22 -19.58 12.16
N ARG A 287 -25.97 -20.89 12.25
CA ARG A 287 -25.38 -21.60 11.13
C ARG A 287 -26.28 -21.51 9.90
N GLN A 288 -27.57 -21.68 10.10
CA GLN A 288 -28.52 -21.82 9.02
C GLN A 288 -28.77 -20.46 8.35
N ALA A 289 -28.84 -19.41 9.17
CA ALA A 289 -29.04 -18.06 8.69
C ALA A 289 -27.87 -17.65 7.78
N TYR A 290 -26.65 -17.92 8.23
CA TYR A 290 -25.45 -17.69 7.44
C TYR A 290 -25.58 -18.46 6.13
N LEU A 291 -25.78 -19.77 6.16
CA LEU A 291 -25.84 -20.49 4.89
C LEU A 291 -26.96 -19.94 3.98
N GLN A 292 -28.07 -19.48 4.56
CA GLN A 292 -29.21 -19.00 3.77
C GLN A 292 -28.82 -17.74 3.00
N SER A 293 -28.24 -16.75 3.67
CA SER A 293 -27.95 -15.48 3.03
C SER A 293 -26.70 -15.58 2.14
N TYR A 294 -25.70 -16.37 2.57
CA TYR A 294 -24.51 -16.63 1.77
C TYR A 294 -24.93 -17.24 0.42
N ALA A 295 -25.87 -18.17 0.38
CA ALA A 295 -26.20 -18.86 -0.85
C ALA A 295 -27.01 -17.99 -1.81
N ARG A 296 -27.76 -17.03 -1.25
CA ARG A 296 -28.61 -16.14 -2.04
C ARG A 296 -27.81 -15.02 -2.71
N THR A 297 -26.69 -14.61 -2.08
CA THR A 297 -25.92 -13.42 -2.43
C THR A 297 -24.69 -13.77 -3.29
N SER A 298 -24.07 -14.91 -3.00
CA SER A 298 -22.84 -15.29 -3.66
C SER A 298 -23.09 -15.56 -5.13
N LYS A 299 -22.21 -15.08 -6.01
CA LYS A 299 -22.39 -15.29 -7.45
C LYS A 299 -21.67 -16.56 -7.91
N HIS A 300 -21.08 -17.34 -6.99
CA HIS A 300 -20.59 -18.68 -7.29
C HIS A 300 -21.15 -19.73 -6.32
N SER A 301 -21.44 -20.94 -6.83
CA SER A 301 -21.93 -22.04 -6.03
C SER A 301 -20.91 -22.46 -4.98
N ILE A 302 -21.39 -22.81 -3.77
CA ILE A 302 -20.54 -23.33 -2.71
C ILE A 302 -19.94 -24.66 -3.17
N ASN A 303 -18.72 -24.95 -2.71
CA ASN A 303 -18.16 -26.28 -2.90
C ASN A 303 -18.32 -27.04 -1.58
N TYR A 304 -19.27 -27.98 -1.55
CA TYR A 304 -19.69 -28.62 -0.32
C TYR A 304 -18.62 -29.58 0.22
N ALA A 305 -17.87 -30.25 -0.67
CA ALA A 305 -16.76 -31.06 -0.23
C ALA A 305 -15.72 -30.20 0.48
N LYS A 306 -15.39 -29.01 -0.06
CA LYS A 306 -14.27 -28.23 0.45
C LYS A 306 -14.65 -27.54 1.76
N VAL A 307 -15.92 -27.11 1.88
CA VAL A 307 -16.46 -26.54 3.10
C VAL A 307 -16.59 -27.62 4.18
N THR A 308 -16.96 -28.86 3.80
CA THR A 308 -17.03 -29.95 4.76
C THR A 308 -15.64 -30.13 5.39
N ALA A 309 -14.58 -30.10 4.55
CA ALA A 309 -13.22 -30.37 5.02
C ALA A 309 -12.71 -29.20 5.84
N GLY A 310 -13.14 -27.99 5.45
CA GLY A 310 -12.82 -26.78 6.18
C GLY A 310 -13.36 -26.85 7.59
N ILE A 311 -14.60 -27.36 7.73
CA ILE A 311 -15.25 -27.50 9.04
C ILE A 311 -14.56 -28.56 9.88
N ALA A 312 -14.27 -29.70 9.28
CA ALA A 312 -13.46 -30.73 9.91
C ALA A 312 -12.18 -30.11 10.46
N ALA A 313 -11.47 -29.37 9.60
CA ALA A 313 -10.23 -28.73 10.00
C ALA A 313 -10.45 -27.87 11.25
N HIS A 314 -11.50 -27.04 11.23
CA HIS A 314 -11.72 -26.14 12.36
C HIS A 314 -11.88 -26.98 13.62
N ILE A 315 -12.74 -28.00 13.56
CA ILE A 315 -13.02 -28.87 14.69
C ILE A 315 -11.71 -29.43 15.30
N VAL A 316 -10.84 -30.04 14.47
CA VAL A 316 -9.65 -30.67 14.99
C VAL A 316 -8.66 -29.64 15.52
N MET A 317 -8.65 -28.44 14.95
CA MET A 317 -7.68 -27.41 15.32
C MET A 317 -8.15 -26.66 16.57
N TRP A 318 -9.47 -26.49 16.79
CA TRP A 318 -9.95 -25.62 17.86
C TRP A 318 -10.56 -26.33 19.08
N THR A 319 -10.90 -27.63 19.02
CA THR A 319 -11.68 -28.22 20.10
C THR A 319 -10.92 -28.11 21.43
N ASP A 320 -9.65 -28.48 21.39
CA ASP A 320 -8.77 -28.39 22.54
C ASP A 320 -8.64 -26.92 22.99
N PHE A 321 -8.31 -26.00 22.08
CA PHE A 321 -8.08 -24.60 22.44
C PHE A 321 -9.25 -24.07 23.27
N MET A 322 -10.47 -24.26 22.77
CA MET A 322 -11.67 -23.67 23.37
C MET A 322 -11.88 -24.22 24.77
N GLN A 323 -11.44 -25.47 24.98
CA GLN A 323 -11.33 -26.04 26.32
C GLN A 323 -12.72 -26.25 26.92
N TRP A 324 -13.69 -26.67 26.09
CA TRP A 324 -15.07 -26.82 26.53
C TRP A 324 -15.42 -28.26 26.90
N GLY A 325 -16.45 -28.44 27.74
CA GLY A 325 -16.89 -29.77 28.14
C GLY A 325 -15.78 -30.56 28.86
N SER A 326 -15.73 -31.88 28.65
CA SER A 326 -14.77 -32.74 29.34
C SER A 326 -13.80 -33.42 28.35
N GLU A 327 -12.66 -33.91 28.86
CA GLU A 327 -11.67 -34.60 28.06
C GLU A 327 -12.31 -35.64 27.14
N GLU A 328 -13.19 -36.46 27.70
CA GLU A 328 -13.75 -37.61 27.02
C GLU A 328 -14.62 -37.14 25.86
N GLU A 329 -15.49 -36.15 26.13
CA GLU A 329 -16.39 -35.62 25.14
C GLU A 329 -15.60 -34.96 24.00
N ARG A 330 -14.50 -34.27 24.34
CA ARG A 330 -13.68 -33.58 23.36
C ARG A 330 -13.04 -34.59 22.43
N ILE A 331 -12.62 -35.75 22.97
CA ILE A 331 -12.04 -36.83 22.19
C ILE A 331 -13.03 -37.30 21.12
N ASN A 332 -14.30 -37.53 21.50
CA ASN A 332 -15.29 -38.01 20.55
C ASN A 332 -15.67 -36.95 19.52
N PHE A 333 -15.59 -35.67 19.91
CA PHE A 333 -15.97 -34.60 19.00
C PHE A 333 -14.91 -34.52 17.90
N VAL A 334 -13.64 -34.58 18.29
CA VAL A 334 -12.56 -34.57 17.32
C VAL A 334 -12.69 -35.79 16.40
N LYS A 335 -13.16 -36.93 16.93
CA LYS A 335 -13.29 -38.13 16.11
C LYS A 335 -14.31 -37.90 15.01
N LYS A 336 -15.35 -37.09 15.26
CA LYS A 336 -16.37 -36.83 14.26
C LYS A 336 -15.78 -35.93 13.17
N GLY A 337 -14.88 -35.03 13.57
CA GLY A 337 -14.13 -34.20 12.66
C GLY A 337 -13.29 -35.04 11.72
N VAL A 338 -12.47 -35.92 12.28
CA VAL A 338 -11.66 -36.83 11.47
C VAL A 338 -12.55 -37.67 10.56
N ALA A 339 -13.75 -38.04 11.01
CA ALA A 339 -14.64 -38.80 10.17
C ALA A 339 -15.10 -37.97 8.97
N ALA A 340 -15.31 -36.68 9.19
CA ALA A 340 -15.86 -35.81 8.14
C ALA A 340 -14.90 -35.64 6.96
N PHE A 341 -13.58 -35.81 7.19
CA PHE A 341 -12.62 -35.80 6.11
C PHE A 341 -12.85 -36.95 5.13
N HIS A 342 -13.34 -38.11 5.62
CA HIS A 342 -13.62 -39.26 4.76
C HIS A 342 -14.84 -38.96 3.88
N ASP A 343 -15.77 -38.14 4.39
CA ASP A 343 -16.96 -37.77 3.65
C ASP A 343 -16.65 -36.76 2.56
N ALA A 344 -15.74 -35.81 2.81
CA ALA A 344 -15.30 -34.84 1.80
C ALA A 344 -14.59 -35.52 0.63
N ARG A 345 -13.57 -36.34 0.93
CA ARG A 345 -12.81 -37.06 -0.07
C ARG A 345 -13.66 -38.06 -0.84
N GLY A 346 -14.67 -38.66 -0.19
CA GLY A 346 -15.54 -39.64 -0.83
C GLY A 346 -16.75 -39.03 -1.56
N ASN A 347 -16.87 -37.68 -1.50
CA ASN A 347 -18.00 -36.94 -2.07
C ASN A 347 -19.33 -37.54 -1.59
N ASN A 348 -19.46 -37.75 -0.27
CA ASN A 348 -20.61 -38.45 0.28
C ASN A 348 -21.60 -37.45 0.86
N ASP A 349 -22.81 -37.44 0.29
CA ASP A 349 -23.81 -36.43 0.54
C ASP A 349 -24.72 -36.83 1.70
N ASN A 350 -24.56 -38.07 2.20
CA ASN A 350 -25.25 -38.51 3.40
C ASN A 350 -24.34 -38.39 4.62
N GLY A 351 -23.09 -37.97 4.43
CA GLY A 351 -22.22 -37.68 5.55
C GLY A 351 -22.97 -36.75 6.51
N GLU A 352 -22.63 -36.83 7.78
CA GLU A 352 -23.39 -36.07 8.77
C GLU A 352 -23.27 -34.57 8.51
N ILE A 353 -22.06 -34.08 8.24
CA ILE A 353 -21.89 -32.64 8.01
C ILE A 353 -22.40 -32.20 6.63
N THR A 354 -21.86 -32.82 5.57
CA THR A 354 -22.21 -32.42 4.20
C THR A 354 -23.72 -32.40 4.05
N SER A 355 -24.41 -33.38 4.65
CA SER A 355 -25.83 -33.59 4.39
C SER A 355 -26.60 -32.38 4.91
N THR A 356 -26.27 -32.00 6.15
CA THR A 356 -26.80 -30.82 6.83
C THR A 356 -26.56 -29.57 5.99
N LEU A 357 -25.34 -29.38 5.47
CA LEU A 357 -25.02 -28.21 4.67
C LEU A 357 -26.05 -28.06 3.55
N LEU A 358 -26.33 -29.17 2.86
CA LEU A 358 -27.22 -29.12 1.72
C LEU A 358 -28.62 -28.69 2.16
N LYS A 359 -29.11 -29.27 3.26
CA LYS A 359 -30.45 -28.97 3.75
C LYS A 359 -30.57 -27.48 4.12
N GLU A 360 -29.64 -26.99 4.94
CA GLU A 360 -29.71 -25.65 5.48
C GLU A 360 -29.48 -24.55 4.43
N SER A 361 -28.87 -24.88 3.28
CA SER A 361 -28.61 -23.88 2.24
C SER A 361 -29.54 -24.09 1.05
N SER A 362 -30.52 -24.99 1.17
CA SER A 362 -31.54 -25.18 0.16
C SER A 362 -32.20 -23.84 -0.19
N THR A 363 -32.66 -23.74 -1.45
CA THR A 363 -33.36 -22.57 -1.96
C THR A 363 -34.88 -22.78 -1.88
N ALA A 364 -35.38 -23.78 -2.61
CA ALA A 364 -36.77 -24.17 -2.52
C ALA A 364 -36.85 -25.64 -2.93
N HIS B 2 -20.51 10.71 8.69
CA HIS B 2 -19.49 11.33 7.79
C HIS B 2 -20.12 12.47 6.98
N MET B 3 -19.45 13.63 6.97
CA MET B 3 -19.92 14.84 6.30
C MET B 3 -19.30 14.94 4.90
N ALA B 4 -20.09 15.45 3.93
CA ALA B 4 -19.60 15.80 2.60
C ALA B 4 -19.11 17.26 2.61
N PHE B 5 -17.91 17.45 2.05
CA PHE B 5 -17.24 18.74 2.08
C PHE B 5 -17.03 19.27 0.67
N ASP B 6 -16.90 20.60 0.56
CA ASP B 6 -16.67 21.22 -0.74
C ASP B 6 -15.27 21.84 -0.76
N LEU B 7 -14.34 21.14 -1.41
CA LEU B 7 -12.94 21.54 -1.45
C LEU B 7 -12.66 22.46 -2.64
N LYS B 8 -13.70 22.92 -3.32
CA LYS B 8 -13.52 23.80 -4.45
C LYS B 8 -13.69 25.25 -3.99
N THR B 9 -14.13 25.45 -2.75
CA THR B 9 -14.30 26.78 -2.21
C THR B 9 -13.38 26.95 -1.01
N GLU B 10 -12.96 28.19 -0.75
CA GLU B 10 -12.03 28.51 0.33
C GLU B 10 -12.67 28.18 1.67
N ASP B 11 -13.99 28.39 1.77
CA ASP B 11 -14.71 28.26 3.03
C ASP B 11 -14.87 26.78 3.35
N GLY B 12 -15.18 25.97 2.32
CA GLY B 12 -15.30 24.53 2.45
C GLY B 12 -13.97 23.86 2.76
N LEU B 13 -12.88 24.44 2.22
CA LEU B 13 -11.52 24.03 2.52
C LEU B 13 -11.23 24.18 4.01
N ILE B 14 -11.64 25.29 4.62
CA ILE B 14 -11.27 25.58 6.00
C ILE B 14 -12.10 24.70 6.95
N THR B 15 -13.35 24.42 6.57
CA THR B 15 -14.15 23.43 7.28
C THR B 15 -13.44 22.06 7.27
N TYR B 16 -13.04 21.57 6.08
CA TYR B 16 -12.42 20.26 5.99
C TYR B 16 -11.18 20.23 6.88
N LEU B 17 -10.33 21.26 6.77
CA LEU B 17 -9.10 21.25 7.54
C LEU B 17 -9.36 21.29 9.03
N THR B 18 -10.34 22.08 9.49
CA THR B 18 -10.52 22.26 10.93
C THR B 18 -11.35 21.10 11.50
N LYS B 19 -12.49 20.79 10.87
CA LYS B 19 -13.46 19.82 11.36
C LYS B 19 -12.91 18.39 11.29
N HIS B 20 -12.28 18.03 10.16
CA HIS B 20 -11.88 16.67 9.87
C HIS B 20 -10.46 16.38 10.36
N LEU B 21 -9.53 17.34 10.21
CA LEU B 21 -8.13 17.03 10.46
C LEU B 21 -7.62 17.78 11.69
N SER B 22 -8.43 18.69 12.25
CA SER B 22 -8.12 19.35 13.51
C SER B 22 -6.97 20.34 13.37
N LEU B 23 -6.78 20.90 12.18
CA LEU B 23 -5.68 21.82 11.96
C LEU B 23 -6.11 23.23 12.31
N ASP B 24 -5.15 24.03 12.79
CA ASP B 24 -5.38 25.43 13.14
C ASP B 24 -5.08 26.34 11.93
N VAL B 25 -6.13 26.69 11.19
CA VAL B 25 -5.94 27.25 9.85
C VAL B 25 -6.26 28.74 9.88
N ASP B 26 -5.22 29.53 9.56
CA ASP B 26 -5.31 30.91 9.06
C ASP B 26 -6.45 31.01 8.02
N THR B 27 -7.53 31.74 8.34
CA THR B 27 -8.66 31.91 7.42
C THR B 27 -8.26 32.77 6.21
N SER B 28 -7.03 33.31 6.28
CA SER B 28 -6.50 34.28 5.34
C SER B 28 -5.10 33.90 4.88
N GLY B 29 -4.78 32.61 4.95
CA GLY B 29 -3.48 32.09 4.55
C GLY B 29 -3.66 31.04 3.48
N VAL B 30 -4.69 31.26 2.65
CA VAL B 30 -5.18 30.29 1.70
C VAL B 30 -5.31 30.93 0.32
N LYS B 31 -4.71 30.29 -0.68
CA LYS B 31 -4.69 30.79 -2.04
C LYS B 31 -4.75 29.60 -2.98
N ARG B 32 -5.60 29.71 -4.01
CA ARG B 32 -5.72 28.73 -5.06
C ARG B 32 -4.58 28.93 -6.08
N LEU B 33 -3.98 27.83 -6.56
CA LEU B 33 -2.83 27.89 -7.45
C LEU B 33 -3.23 27.45 -8.87
N SER B 34 -3.88 26.29 -8.97
CA SER B 34 -4.39 25.73 -10.22
C SER B 34 -5.88 25.49 -10.02
N GLY B 35 -6.52 25.01 -11.06
CA GLY B 35 -7.93 24.69 -10.93
C GLY B 35 -8.57 24.66 -12.29
N GLY B 36 -8.95 23.44 -12.69
CA GLY B 36 -9.91 23.23 -13.76
C GLY B 36 -11.11 22.40 -13.30
N PHE B 37 -11.69 21.65 -14.24
CA PHE B 37 -12.90 20.88 -14.02
C PHE B 37 -12.70 19.78 -12.98
N VAL B 38 -11.58 19.03 -13.03
CA VAL B 38 -11.34 17.94 -12.08
C VAL B 38 -10.53 18.46 -10.91
N ASN B 39 -9.29 18.93 -11.14
CA ASN B 39 -8.31 19.15 -10.09
C ASN B 39 -8.24 20.59 -9.59
N VAL B 40 -7.83 20.70 -8.33
CA VAL B 40 -7.59 21.97 -7.63
C VAL B 40 -6.31 21.82 -6.81
N THR B 41 -5.51 22.88 -6.74
CA THR B 41 -4.34 22.89 -5.88
C THR B 41 -4.41 24.13 -4.99
N TRP B 42 -4.36 23.93 -3.65
CA TRP B 42 -4.35 25.02 -2.69
C TRP B 42 -3.00 25.11 -1.98
N ARG B 43 -2.55 26.36 -1.72
CA ARG B 43 -1.43 26.66 -0.83
C ARG B 43 -2.01 27.19 0.49
N ILE B 44 -1.52 26.68 1.62
CA ILE B 44 -2.15 26.90 2.91
C ILE B 44 -1.10 27.21 3.96
N LYS B 45 -1.41 28.20 4.81
CA LYS B 45 -0.53 28.62 5.89
C LYS B 45 -1.23 28.34 7.23
N LEU B 46 -0.52 27.63 8.13
CA LEU B 46 -1.09 27.15 9.38
C LEU B 46 -0.61 28.04 10.53
N ASN B 47 -1.46 28.23 11.55
CA ASN B 47 -1.07 28.95 12.76
C ASN B 47 -0.37 28.03 13.77
N ALA B 48 -0.56 26.71 13.62
CA ALA B 48 0.20 25.76 14.40
C ALA B 48 0.72 24.63 13.49
N PRO B 49 1.94 24.09 13.76
CA PRO B 49 2.56 23.10 12.88
C PRO B 49 1.73 21.82 12.76
N TYR B 50 1.89 21.14 11.62
CA TYR B 50 1.33 19.82 11.35
C TYR B 50 2.45 18.94 10.79
N GLN B 51 2.87 17.97 11.58
CA GLN B 51 4.01 17.13 11.22
C GLN B 51 5.21 18.00 10.90
N GLY B 52 5.29 19.14 11.60
CA GLY B 52 6.51 19.93 11.66
C GLY B 52 6.47 21.10 10.69
N HIS B 53 5.37 21.22 9.93
CA HIS B 53 5.29 22.12 8.78
C HIS B 53 4.21 23.16 9.05
N THR B 54 4.51 24.43 8.73
CA THR B 54 3.52 25.49 8.86
C THR B 54 2.92 25.83 7.50
N SER B 55 3.45 25.28 6.42
CA SER B 55 2.84 25.49 5.13
C SER B 55 2.87 24.22 4.29
N ILE B 56 1.74 23.98 3.63
CA ILE B 56 1.40 22.71 3.03
C ILE B 56 0.61 23.00 1.76
N ILE B 57 0.51 22.01 0.86
CA ILE B 57 -0.42 22.12 -0.25
C ILE B 57 -1.42 20.98 -0.15
N LEU B 58 -2.64 21.21 -0.65
CA LEU B 58 -3.69 20.20 -0.75
C LEU B 58 -4.16 20.13 -2.19
N LYS B 59 -4.19 18.93 -2.77
CA LYS B 59 -4.67 18.69 -4.12
C LYS B 59 -6.02 17.96 -4.03
N HIS B 60 -6.97 18.23 -4.93
CA HIS B 60 -8.28 17.59 -4.85
C HIS B 60 -8.88 17.26 -6.23
N ALA B 61 -9.09 15.97 -6.47
CA ALA B 61 -9.82 15.49 -7.62
C ALA B 61 -11.30 15.51 -7.32
N GLN B 62 -12.08 16.09 -8.22
CA GLN B 62 -13.53 16.09 -8.10
C GLN B 62 -14.07 14.86 -8.80
N PRO B 63 -14.83 13.96 -8.14
CA PRO B 63 -15.43 12.83 -8.85
C PRO B 63 -16.57 13.28 -9.76
N HIS B 64 -16.87 12.44 -10.77
CA HIS B 64 -17.97 12.62 -11.69
C HIS B 64 -17.72 13.83 -12.62
N MET B 65 -16.45 14.19 -12.81
CA MET B 65 -16.12 15.15 -13.86
C MET B 65 -15.14 14.50 -14.83
N SER B 66 -15.11 13.17 -14.86
CA SER B 66 -14.38 12.44 -15.87
C SER B 66 -15.02 11.08 -16.00
N THR B 67 -14.60 10.27 -16.98
CA THR B 67 -15.18 8.95 -17.08
C THR B 67 -14.77 8.19 -15.83
N ASP B 68 -15.43 7.06 -15.57
CA ASP B 68 -15.11 6.21 -14.44
C ASP B 68 -13.70 5.63 -14.58
N GLU B 69 -13.33 5.25 -15.80
CA GLU B 69 -12.02 4.70 -16.10
C GLU B 69 -10.91 5.72 -15.88
N ASP B 70 -11.13 6.97 -16.31
CA ASP B 70 -10.11 8.01 -16.20
C ASP B 70 -9.92 8.40 -14.74
N PHE B 71 -11.01 8.44 -13.98
CA PHE B 71 -10.93 8.85 -12.58
C PHE B 71 -10.22 7.78 -11.75
N LYS B 72 -10.47 6.51 -12.09
CA LYS B 72 -9.81 5.38 -11.45
C LYS B 72 -8.29 5.40 -11.65
N ILE B 73 -7.83 5.61 -12.89
CA ILE B 73 -6.39 5.64 -13.17
C ILE B 73 -5.73 6.82 -12.46
N GLY B 74 -6.44 7.93 -12.36
CA GLY B 74 -5.91 9.11 -11.70
C GLY B 74 -5.61 8.83 -10.23
N VAL B 75 -6.56 8.17 -9.55
CA VAL B 75 -6.41 7.82 -8.15
C VAL B 75 -5.20 6.87 -7.99
N GLU B 76 -5.09 5.87 -8.86
CA GLU B 76 -3.92 5.00 -8.86
C GLU B 76 -2.63 5.80 -8.93
N ARG B 77 -2.57 6.79 -9.81
CA ARG B 77 -1.34 7.56 -9.96
C ARG B 77 -1.02 8.27 -8.66
N SER B 78 -2.03 8.89 -8.04
CA SER B 78 -1.86 9.55 -6.75
C SER B 78 -1.24 8.61 -5.71
N VAL B 79 -1.78 7.40 -5.63
CA VAL B 79 -1.40 6.52 -4.54
C VAL B 79 0.07 6.16 -4.71
N TYR B 80 0.48 5.80 -5.93
CA TYR B 80 1.88 5.44 -6.16
C TYR B 80 2.75 6.65 -5.84
N GLU B 81 2.35 7.85 -6.25
CA GLU B 81 3.13 9.05 -5.95
C GLU B 81 3.24 9.22 -4.43
N TYR B 82 2.11 9.14 -3.72
CA TYR B 82 2.11 9.30 -2.28
C TYR B 82 2.94 8.21 -1.63
N GLN B 83 2.69 6.94 -2.00
CA GLN B 83 3.38 5.84 -1.36
C GLN B 83 4.88 5.90 -1.66
N ALA B 84 5.26 6.30 -2.88
CA ALA B 84 6.68 6.39 -3.24
C ALA B 84 7.42 7.36 -2.32
N ILE B 85 6.79 8.50 -2.08
CA ILE B 85 7.36 9.53 -1.23
C ILE B 85 7.47 9.02 0.20
N LYS B 86 6.46 8.29 0.70
CA LYS B 86 6.57 7.67 2.01
C LYS B 86 7.76 6.70 2.09
N LEU B 87 8.00 5.90 1.04
CA LEU B 87 9.12 4.98 1.05
C LEU B 87 10.45 5.73 1.23
N MET B 88 10.62 6.88 0.59
CA MET B 88 11.86 7.65 0.69
C MET B 88 12.00 8.31 2.07
N MET B 89 10.88 8.73 2.67
CA MET B 89 10.91 9.27 4.02
C MET B 89 11.39 8.20 4.99
N ALA B 90 11.06 6.93 4.73
CA ALA B 90 11.38 5.83 5.63
C ALA B 90 12.81 5.37 5.47
N ASN B 91 13.38 5.59 4.27
CA ASN B 91 14.73 5.14 3.98
C ASN B 91 15.66 6.34 3.81
N ARG B 92 15.30 7.45 4.46
CA ARG B 92 15.96 8.74 4.31
C ARG B 92 17.44 8.64 4.65
N GLU B 93 17.76 7.75 5.58
CA GLU B 93 19.06 7.75 6.24
C GLU B 93 20.09 7.14 5.29
N VAL B 94 19.75 5.99 4.70
CA VAL B 94 20.69 5.23 3.90
C VAL B 94 20.67 5.73 2.46
N LEU B 95 19.72 6.63 2.11
CA LEU B 95 19.62 7.21 0.78
C LEU B 95 20.24 8.60 0.69
N GLY B 96 19.78 9.50 1.55
CA GLY B 96 20.34 10.84 1.65
C GLY B 96 21.77 10.86 2.18
N GLY B 97 22.41 9.68 2.35
CA GLY B 97 23.85 9.59 2.43
C GLY B 97 24.46 10.14 3.72
N VAL B 98 25.79 10.27 3.72
CA VAL B 98 26.59 10.71 4.85
C VAL B 98 26.24 12.17 5.18
N ASP B 99 26.54 13.08 4.25
CA ASP B 99 26.36 14.51 4.45
C ASP B 99 25.45 15.05 3.34
N GLY B 100 24.45 14.25 2.93
CA GLY B 100 23.74 14.49 1.68
C GLY B 100 22.55 15.46 1.80
N ILE B 101 22.22 16.10 0.66
CA ILE B 101 21.34 17.26 0.62
C ILE B 101 20.14 16.99 -0.31
N VAL B 102 20.08 15.77 -0.86
CA VAL B 102 18.99 15.35 -1.72
C VAL B 102 17.84 14.87 -0.84
N SER B 103 16.63 15.29 -1.18
CA SER B 103 15.47 14.89 -0.42
C SER B 103 14.21 15.04 -1.28
N VAL B 104 13.08 14.60 -0.69
CA VAL B 104 11.79 14.49 -1.34
C VAL B 104 10.82 15.31 -0.52
N PRO B 105 9.84 16.01 -1.13
CA PRO B 105 8.86 16.78 -0.36
C PRO B 105 8.00 15.83 0.45
N GLU B 106 7.92 16.03 1.77
CA GLU B 106 7.26 15.06 2.64
C GLU B 106 5.77 14.96 2.29
N GLY B 107 5.25 13.75 2.30
CA GLY B 107 3.81 13.57 2.25
C GLY B 107 3.22 13.39 3.64
N LEU B 108 2.09 14.05 3.90
CA LEU B 108 1.60 14.20 5.27
C LEU B 108 0.33 13.39 5.47
N ASN B 109 -0.57 13.36 4.49
CA ASN B 109 -1.90 12.78 4.65
C ASN B 109 -2.51 12.47 3.29
N TYR B 110 -3.11 11.29 3.10
CA TYR B 110 -3.87 11.07 1.87
C TYR B 110 -5.22 10.46 2.20
N ASP B 111 -6.29 11.24 2.01
CA ASP B 111 -7.66 10.95 2.37
C ASP B 111 -8.40 10.46 1.13
N LEU B 112 -8.50 9.15 0.95
CA LEU B 112 -9.08 8.56 -0.25
C LEU B 112 -10.59 8.76 -0.27
N GLU B 113 -11.22 9.01 0.90
CA GLU B 113 -12.66 9.21 1.00
C GLU B 113 -13.08 10.56 0.41
N ASN B 114 -12.34 11.63 0.73
CA ASN B 114 -12.59 12.98 0.22
C ASN B 114 -11.64 13.41 -0.92
N ASN B 115 -10.79 12.50 -1.41
CA ASN B 115 -9.90 12.76 -2.54
C ASN B 115 -9.06 14.00 -2.29
N ALA B 116 -8.27 13.94 -1.23
CA ALA B 116 -7.59 15.10 -0.71
C ALA B 116 -6.23 14.70 -0.15
N LEU B 117 -5.17 15.18 -0.82
CA LEU B 117 -3.81 14.77 -0.58
C LEU B 117 -3.06 15.95 0.00
N ILE B 118 -2.36 15.79 1.13
CA ILE B 118 -1.62 16.91 1.68
C ILE B 118 -0.12 16.63 1.70
N MET B 119 0.64 17.59 1.19
CA MET B 119 2.08 17.50 1.04
C MET B 119 2.70 18.74 1.66
N GLN B 120 3.98 18.62 2.04
CA GLN B 120 4.85 19.74 2.34
C GLN B 120 4.89 20.72 1.16
N ASP B 121 4.80 22.02 1.46
CA ASP B 121 4.97 23.08 0.48
C ASP B 121 6.44 23.49 0.42
N VAL B 122 7.07 23.30 -0.74
CA VAL B 122 8.51 23.51 -0.86
C VAL B 122 8.84 25.01 -0.90
N GLY B 123 7.99 25.78 -1.58
CA GLY B 123 8.27 27.18 -1.87
C GLY B 123 8.13 27.39 -3.36
N LYS B 124 8.46 28.60 -3.81
CA LYS B 124 8.39 28.96 -5.21
C LYS B 124 9.78 28.76 -5.84
N MET B 125 10.49 27.72 -5.40
CA MET B 125 11.82 27.40 -5.90
C MET B 125 11.84 27.26 -7.42
N LYS B 126 13.02 27.49 -7.99
CA LYS B 126 13.20 27.37 -9.42
C LYS B 126 13.75 25.98 -9.71
N THR B 127 13.43 25.46 -10.90
CA THR B 127 13.95 24.17 -11.28
C THR B 127 15.41 24.30 -11.70
N LEU B 128 16.07 23.15 -11.79
CA LEU B 128 17.37 23.03 -12.42
C LEU B 128 17.28 23.61 -13.84
N LEU B 129 16.23 23.20 -14.56
CA LEU B 129 15.96 23.64 -15.92
C LEU B 129 15.93 25.16 -16.01
N ASP B 130 15.39 25.83 -14.99
CA ASP B 130 15.37 27.28 -14.96
C ASP B 130 16.78 27.85 -14.84
N TYR B 131 17.59 27.26 -13.95
CA TYR B 131 18.94 27.74 -13.67
C TYR B 131 19.87 27.55 -14.87
N VAL B 132 19.64 26.51 -15.69
CA VAL B 132 20.58 26.18 -16.76
C VAL B 132 20.16 26.90 -18.05
N THR B 133 19.02 27.58 -18.07
CA THR B 133 18.62 28.28 -19.27
C THR B 133 18.74 29.79 -19.10
N ALA B 134 19.02 30.23 -17.87
CA ALA B 134 19.22 31.63 -17.59
C ALA B 134 20.55 32.07 -18.18
N LYS B 135 20.62 33.36 -18.52
CA LYS B 135 21.83 34.04 -18.98
C LYS B 135 22.15 35.12 -17.97
N PRO B 136 23.19 34.98 -17.10
CA PRO B 136 24.19 33.92 -17.20
C PRO B 136 23.71 32.58 -16.65
N PRO B 137 24.44 31.48 -16.93
CA PRO B 137 24.05 30.15 -16.44
C PRO B 137 24.59 29.87 -15.03
N LEU B 138 24.16 28.72 -14.50
CA LEU B 138 24.44 28.26 -13.15
C LEU B 138 25.95 28.17 -12.91
N ALA B 139 26.44 28.70 -11.78
CA ALA B 139 27.84 28.54 -11.43
C ALA B 139 28.28 27.09 -11.63
N THR B 140 29.53 26.88 -12.05
CA THR B 140 30.00 25.54 -12.39
C THR B 140 30.27 24.75 -11.11
N ASP B 141 30.64 25.43 -10.02
CA ASP B 141 30.87 24.76 -8.74
C ASP B 141 29.58 24.09 -8.29
N ILE B 142 28.44 24.77 -8.52
CA ILE B 142 27.14 24.29 -8.10
C ILE B 142 26.70 23.14 -8.99
N ALA B 143 27.04 23.18 -10.28
CA ALA B 143 26.65 22.13 -11.21
C ALA B 143 27.38 20.83 -10.91
N ARG B 144 28.65 20.91 -10.49
CA ARG B 144 29.45 19.75 -10.12
C ARG B 144 28.79 19.04 -8.93
N LEU B 145 28.33 19.81 -7.94
CA LEU B 145 27.84 19.27 -6.69
C LEU B 145 26.52 18.54 -6.90
N VAL B 146 25.60 19.19 -7.59
CA VAL B 146 24.37 18.57 -8.05
C VAL B 146 24.66 17.21 -8.67
N GLY B 147 25.58 17.16 -9.63
CA GLY B 147 25.87 15.90 -10.29
C GLY B 147 26.32 14.83 -9.29
N THR B 148 27.20 15.23 -8.38
CA THR B 148 27.83 14.31 -7.44
C THR B 148 26.79 13.77 -6.46
N GLU B 149 25.81 14.61 -6.08
CA GLU B 149 24.84 14.27 -5.06
C GLU B 149 23.73 13.38 -5.63
N ILE B 150 23.25 13.73 -6.81
CA ILE B 150 22.22 12.94 -7.45
C ILE B 150 22.76 11.58 -7.89
N GLY B 151 24.02 11.52 -8.34
CA GLY B 151 24.61 10.24 -8.69
C GLY B 151 24.63 9.30 -7.48
N GLY B 152 24.95 9.83 -6.30
CA GLY B 152 25.06 9.08 -5.07
C GLY B 152 23.70 8.62 -4.54
N PHE B 153 22.71 9.53 -4.59
CA PHE B 153 21.34 9.19 -4.27
C PHE B 153 20.88 8.05 -5.17
N VAL B 154 20.99 8.22 -6.50
CA VAL B 154 20.41 7.28 -7.44
C VAL B 154 21.09 5.91 -7.30
N ALA B 155 22.41 5.89 -7.04
CA ALA B 155 23.13 4.64 -6.78
C ALA B 155 22.64 3.97 -5.49
N ARG B 156 22.44 4.76 -4.43
CA ARG B 156 21.97 4.18 -3.18
C ARG B 156 20.57 3.61 -3.37
N LEU B 157 19.77 4.29 -4.21
CA LEU B 157 18.41 3.87 -4.51
C LEU B 157 18.44 2.49 -5.18
N HIS B 158 19.32 2.32 -6.17
CA HIS B 158 19.35 1.12 -6.99
C HIS B 158 19.90 -0.04 -6.19
N ASN B 159 20.77 0.25 -5.22
CA ASN B 159 21.37 -0.76 -4.36
C ASN B 159 20.33 -1.35 -3.43
N ILE B 160 19.56 -0.47 -2.76
CA ILE B 160 18.57 -0.88 -1.79
C ILE B 160 17.44 -1.63 -2.51
N GLY B 161 17.18 -1.30 -3.77
CA GLY B 161 16.06 -1.87 -4.49
C GLY B 161 16.35 -3.30 -4.94
N ARG B 162 17.64 -3.63 -5.02
CA ARG B 162 18.05 -5.00 -5.31
C ARG B 162 17.93 -5.84 -4.03
N GLU B 163 18.51 -5.36 -2.91
CA GLU B 163 18.62 -6.15 -1.69
C GLU B 163 17.28 -6.27 -0.95
N ARG B 164 16.32 -5.35 -1.14
CA ARG B 164 15.02 -5.46 -0.51
C ARG B 164 13.93 -5.81 -1.51
N ARG B 165 14.33 -6.31 -2.68
CA ARG B 165 13.42 -6.62 -3.78
C ARG B 165 12.16 -7.39 -3.33
N ASP B 166 12.29 -8.26 -2.31
CA ASP B 166 11.19 -9.16 -1.96
C ASP B 166 10.33 -8.66 -0.80
N ASP B 167 10.76 -7.60 -0.10
CA ASP B 167 9.93 -6.98 0.92
C ASP B 167 8.66 -6.46 0.26
N PRO B 168 7.48 -6.53 0.92
CA PRO B 168 6.23 -6.26 0.22
C PRO B 168 5.95 -4.80 -0.17
N GLU B 169 6.44 -3.87 0.64
CA GLU B 169 6.45 -2.44 0.31
C GLU B 169 7.31 -2.10 -0.92
N PHE B 170 8.30 -2.95 -1.23
CA PHE B 170 9.10 -2.75 -2.42
C PHE B 170 8.40 -3.39 -3.62
N LYS B 171 7.89 -4.62 -3.46
CA LYS B 171 7.22 -5.31 -4.56
C LYS B 171 5.98 -4.54 -4.99
N PHE B 172 5.45 -3.69 -4.12
CA PHE B 172 4.27 -2.93 -4.49
C PHE B 172 4.51 -2.13 -5.78
N PHE B 173 5.74 -1.60 -5.94
CA PHE B 173 6.09 -0.73 -7.07
C PHE B 173 6.38 -1.55 -8.34
N SER B 174 6.83 -2.79 -8.19
CA SER B 174 6.85 -3.71 -9.32
C SER B 174 5.49 -3.80 -9.99
N GLY B 175 4.41 -3.62 -9.22
CA GLY B 175 3.07 -3.75 -9.78
C GLY B 175 2.48 -2.43 -10.29
N ASN B 176 3.32 -1.42 -10.51
CA ASN B 176 2.85 -0.11 -10.99
C ASN B 176 2.71 -0.16 -12.50
N ILE B 177 1.66 -0.83 -12.98
CA ILE B 177 1.50 -1.20 -14.38
C ILE B 177 1.12 0.04 -15.20
N VAL B 178 0.31 0.90 -14.60
CA VAL B 178 0.03 2.21 -15.15
C VAL B 178 1.32 2.94 -15.45
N GLY B 179 2.32 2.80 -14.58
CA GLY B 179 3.60 3.51 -14.65
C GLY B 179 4.52 2.94 -15.73
N ARG B 180 4.49 1.61 -15.90
CA ARG B 180 5.23 0.92 -16.95
C ARG B 180 4.62 1.21 -18.33
N THR B 181 3.30 1.39 -18.40
CA THR B 181 2.60 1.68 -19.64
C THR B 181 2.94 3.09 -20.12
N THR B 182 2.99 4.08 -19.21
CA THR B 182 3.41 5.44 -19.54
C THR B 182 4.80 5.40 -20.18
N SER B 183 5.73 4.60 -19.64
CA SER B 183 7.05 4.51 -20.21
C SER B 183 6.98 4.01 -21.66
N ASP B 184 6.18 2.97 -21.90
CA ASP B 184 5.91 2.41 -23.21
C ASP B 184 5.39 3.48 -24.19
N GLN B 185 4.25 4.11 -23.87
CA GLN B 185 3.70 5.19 -24.67
C GLN B 185 4.77 6.23 -25.06
N LEU B 186 5.70 6.53 -24.14
CA LEU B 186 6.79 7.47 -24.40
C LEU B 186 7.75 6.90 -25.44
N TYR B 187 8.06 5.60 -25.36
CA TYR B 187 8.99 4.96 -26.27
C TYR B 187 8.39 4.81 -27.67
N GLN B 188 7.09 5.07 -27.81
CA GLN B 188 6.38 4.93 -29.08
C GLN B 188 6.49 6.19 -29.91
N THR B 189 7.04 7.27 -29.35
CA THR B 189 7.12 8.52 -30.10
C THR B 189 8.48 8.62 -30.80
N ILE B 190 9.34 7.60 -30.63
CA ILE B 190 10.69 7.60 -31.19
C ILE B 190 10.62 7.59 -32.71
N ILE B 191 9.81 6.69 -33.25
CA ILE B 191 9.69 6.55 -34.69
C ILE B 191 8.98 7.77 -35.30
N PRO B 192 7.86 8.30 -34.75
CA PRO B 192 7.29 9.57 -35.23
C PRO B 192 8.22 10.78 -35.22
N ASN B 193 8.96 10.95 -34.12
CA ASN B 193 9.83 12.10 -33.93
C ASN B 193 11.01 12.11 -34.90
N ALA B 194 11.46 10.90 -35.28
CA ALA B 194 12.43 10.74 -36.35
C ALA B 194 11.79 11.11 -37.68
N ALA B 195 10.75 10.35 -38.06
CA ALA B 195 10.02 10.54 -39.30
C ALA B 195 9.79 12.04 -39.56
N LYS B 196 9.38 12.80 -38.56
CA LYS B 196 9.05 14.19 -38.78
C LYS B 196 10.29 15.03 -39.09
N TYR B 197 11.50 14.55 -38.76
CA TYR B 197 12.71 15.33 -39.01
C TYR B 197 13.51 14.77 -40.20
N GLY B 198 12.92 13.87 -40.99
CA GLY B 198 13.61 13.36 -42.15
C GLY B 198 14.38 12.07 -41.88
N VAL B 199 14.57 11.70 -40.60
CA VAL B 199 15.20 10.44 -40.25
C VAL B 199 14.16 9.33 -40.16
N ASP B 200 14.56 8.14 -40.60
CA ASP B 200 13.63 7.13 -41.05
C ASP B 200 14.33 5.78 -40.97
N ASP B 201 15.26 5.62 -40.02
CA ASP B 201 16.13 4.47 -40.02
C ASP B 201 15.29 3.23 -39.71
N PRO B 202 15.40 2.15 -40.54
CA PRO B 202 14.58 0.95 -40.32
C PRO B 202 15.05 0.02 -39.19
N LEU B 203 16.01 0.49 -38.39
CA LEU B 203 16.40 -0.20 -37.18
C LEU B 203 15.47 0.17 -36.01
N LEU B 204 14.81 1.32 -36.09
CA LEU B 204 14.11 1.91 -34.95
C LEU B 204 12.95 1.02 -34.47
N PRO B 205 12.13 0.42 -35.36
CA PRO B 205 11.17 -0.61 -34.95
C PRO B 205 11.69 -1.64 -33.95
N THR B 206 12.87 -2.20 -34.25
CA THR B 206 13.50 -3.24 -33.47
C THR B 206 13.95 -2.69 -32.11
N VAL B 207 14.50 -1.47 -32.12
CA VAL B 207 15.11 -0.93 -30.93
C VAL B 207 14.03 -0.50 -29.96
N VAL B 208 12.88 -0.09 -30.50
CA VAL B 208 11.73 0.26 -29.70
C VAL B 208 11.14 -0.99 -29.04
N LYS B 209 10.93 -2.06 -29.82
CA LYS B 209 10.60 -3.38 -29.29
C LYS B 209 11.40 -3.73 -28.03
N ASP B 210 12.73 -3.57 -28.07
CA ASP B 210 13.59 -4.01 -26.99
C ASP B 210 13.39 -3.12 -25.77
N LEU B 211 13.31 -1.81 -26.00
CA LEU B 211 13.06 -0.88 -24.91
C LEU B 211 11.70 -1.17 -24.24
N VAL B 212 10.67 -1.47 -25.04
CA VAL B 212 9.32 -1.61 -24.52
C VAL B 212 9.23 -2.86 -23.65
N ASP B 213 9.84 -3.97 -24.09
CA ASP B 213 9.84 -5.21 -23.32
C ASP B 213 10.57 -5.07 -21.99
N ASP B 214 11.71 -4.39 -21.99
CA ASP B 214 12.50 -4.25 -20.78
C ASP B 214 11.62 -3.57 -19.74
N VAL B 215 10.89 -2.54 -20.15
CA VAL B 215 10.21 -1.67 -19.20
C VAL B 215 8.93 -2.35 -18.71
N MET B 216 8.31 -3.17 -19.56
CA MET B 216 7.08 -3.86 -19.17
C MET B 216 7.38 -5.06 -18.27
N HIS B 217 8.57 -5.67 -18.37
CA HIS B 217 8.84 -6.95 -17.70
C HIS B 217 9.97 -6.89 -16.67
N SER B 218 10.90 -5.94 -16.76
CA SER B 218 12.07 -6.02 -15.90
C SER B 218 11.69 -5.88 -14.43
N GLU B 219 12.38 -6.65 -13.58
CA GLU B 219 12.28 -6.52 -12.14
C GLU B 219 13.67 -6.32 -11.55
N GLU B 220 14.55 -5.62 -12.27
CA GLU B 220 15.96 -5.47 -11.92
C GLU B 220 16.11 -4.72 -10.60
N THR B 221 15.62 -3.47 -10.53
CA THR B 221 15.77 -2.67 -9.33
C THR B 221 14.69 -1.61 -9.32
N LEU B 222 14.68 -0.81 -8.25
CA LEU B 222 13.72 0.27 -8.14
C LEU B 222 14.30 1.51 -8.80
N VAL B 223 13.49 2.14 -9.67
CA VAL B 223 13.91 3.32 -10.44
C VAL B 223 13.01 4.51 -10.16
N MET B 224 13.60 5.70 -10.08
CA MET B 224 12.85 6.93 -9.86
C MET B 224 11.92 7.20 -11.06
N ALA B 225 12.41 6.98 -12.29
CA ALA B 225 11.60 6.89 -13.50
C ALA B 225 11.18 8.25 -14.12
N ASP B 226 11.57 9.38 -13.52
CA ASP B 226 11.32 10.69 -14.10
C ASP B 226 12.42 11.67 -13.67
N LEU B 227 13.68 11.31 -13.90
CA LEU B 227 14.82 12.08 -13.42
C LEU B 227 15.44 12.94 -14.54
N TRP B 228 14.75 14.06 -14.83
CA TRP B 228 15.28 15.15 -15.64
C TRP B 228 15.14 16.48 -14.89
N SER B 229 15.71 17.54 -15.48
CA SER B 229 15.99 18.79 -14.82
C SER B 229 14.73 19.63 -14.58
N GLY B 230 13.67 19.34 -15.33
CA GLY B 230 12.38 19.98 -15.13
C GLY B 230 11.66 19.46 -13.88
N ASN B 231 12.10 18.30 -13.35
CA ASN B 231 11.52 17.64 -12.19
C ASN B 231 12.45 17.69 -10.98
N ILE B 232 13.43 18.62 -11.00
CA ILE B 232 14.40 18.78 -9.92
C ILE B 232 14.46 20.23 -9.49
N LEU B 233 14.22 20.49 -8.21
CA LEU B 233 14.28 21.83 -7.66
C LEU B 233 15.61 22.02 -6.95
N LEU B 234 16.05 23.29 -6.90
CA LEU B 234 17.30 23.70 -6.26
C LEU B 234 16.98 24.76 -5.21
N GLN B 235 17.37 24.53 -3.97
CA GLN B 235 17.15 25.55 -2.95
C GLN B 235 18.47 26.27 -2.68
N LEU B 236 18.54 27.54 -3.11
CA LEU B 236 19.75 28.31 -2.96
C LEU B 236 19.66 29.09 -1.66
N GLU B 237 20.82 29.55 -1.16
CA GLU B 237 20.91 30.14 0.16
C GLU B 237 20.06 31.41 0.20
N GLU B 238 19.32 31.53 1.31
CA GLU B 238 18.46 32.66 1.66
C GLU B 238 19.24 33.98 1.69
N GLY B 239 19.55 34.51 0.48
CA GLY B 239 20.32 35.74 0.33
C GLY B 239 21.51 35.59 -0.63
N ASN B 240 22.47 34.75 -0.26
CA ASN B 240 23.65 34.49 -1.08
C ASN B 240 23.24 33.55 -2.20
N PRO B 241 23.27 33.99 -3.48
CA PRO B 241 22.91 33.12 -4.61
C PRO B 241 24.01 32.12 -4.95
N SER B 242 24.93 31.89 -4.01
CA SER B 242 26.19 31.22 -4.30
C SER B 242 26.39 29.94 -3.48
N LYS B 243 25.43 29.59 -2.59
CA LYS B 243 25.52 28.39 -1.77
C LYS B 243 24.28 27.51 -1.93
N LEU B 244 24.48 26.26 -2.35
CA LEU B 244 23.39 25.29 -2.47
C LEU B 244 23.01 24.73 -1.10
N GLN B 245 21.71 24.62 -0.78
CA GLN B 245 21.27 24.05 0.49
C GLN B 245 20.58 22.69 0.29
N LYS B 246 19.66 22.59 -0.66
CA LYS B 246 18.89 21.35 -0.84
C LYS B 246 18.54 21.11 -2.30
N ILE B 247 18.41 19.83 -2.65
CA ILE B 247 17.90 19.39 -3.94
C ILE B 247 16.63 18.59 -3.69
N TYR B 248 15.52 18.94 -4.34
CA TYR B 248 14.30 18.16 -4.20
C TYR B 248 13.94 17.49 -5.51
N ILE B 249 13.55 16.21 -5.43
CA ILE B 249 12.97 15.48 -6.54
C ILE B 249 11.46 15.35 -6.35
N LEU B 250 10.69 15.91 -7.28
CA LEU B 250 9.33 16.29 -6.98
C LEU B 250 8.30 15.21 -7.33
N ASP B 251 8.26 14.76 -8.59
CA ASP B 251 7.17 13.92 -9.07
C ASP B 251 7.62 12.47 -9.13
N TRP B 252 6.98 11.59 -8.34
CA TRP B 252 7.35 10.18 -8.25
C TRP B 252 6.30 9.22 -8.82
N GLU B 253 5.24 9.72 -9.47
CA GLU B 253 4.18 8.90 -10.09
C GLU B 253 4.64 7.69 -10.90
N LEU B 254 5.83 7.77 -11.52
CA LEU B 254 6.26 6.72 -12.43
C LEU B 254 7.17 5.71 -11.73
N CYS B 255 7.40 5.87 -10.42
CA CYS B 255 8.31 5.02 -9.66
C CYS B 255 7.90 3.56 -9.78
N LYS B 256 8.87 2.66 -9.99
CA LYS B 256 8.57 1.27 -10.32
C LYS B 256 9.82 0.39 -10.32
N TYR B 257 9.64 -0.90 -10.60
CA TYR B 257 10.77 -1.78 -10.85
C TYR B 257 11.03 -1.70 -12.35
N GLY B 258 12.32 -1.71 -12.69
CA GLY B 258 12.74 -1.62 -14.08
C GLY B 258 14.26 -1.67 -14.17
N PRO B 259 14.83 -1.51 -15.39
CA PRO B 259 16.29 -1.57 -15.53
C PRO B 259 16.94 -0.33 -14.93
N ALA B 260 18.16 -0.49 -14.39
CA ALA B 260 18.87 0.63 -13.80
C ALA B 260 19.12 1.74 -14.84
N SER B 261 19.34 1.33 -16.10
CA SER B 261 19.71 2.23 -17.18
C SER B 261 18.64 3.29 -17.47
N LEU B 262 17.40 3.05 -17.03
CA LEU B 262 16.35 3.99 -17.38
C LEU B 262 16.63 5.32 -16.67
N ASP B 263 17.09 5.27 -15.42
CA ASP B 263 17.37 6.46 -14.65
C ASP B 263 18.62 7.17 -15.20
N LEU B 264 19.61 6.40 -15.69
CA LEU B 264 20.83 7.00 -16.23
C LEU B 264 20.53 7.68 -17.57
N GLY B 265 19.74 7.02 -18.43
CA GLY B 265 19.27 7.59 -19.68
C GLY B 265 18.55 8.94 -19.51
N TYR B 266 17.70 9.07 -18.49
CA TYR B 266 16.90 10.28 -18.34
C TYR B 266 17.85 11.43 -18.06
N PHE B 267 18.80 11.22 -17.14
CA PHE B 267 19.50 12.34 -16.54
C PHE B 267 20.72 12.67 -17.37
N LEU B 268 21.46 11.64 -17.78
CA LEU B 268 22.57 11.84 -18.67
C LEU B 268 22.06 12.40 -20.00
N GLY B 269 20.95 11.86 -20.49
CA GLY B 269 20.31 12.37 -21.69
C GLY B 269 20.10 13.88 -21.63
N ASP B 270 19.56 14.33 -20.49
CA ASP B 270 19.18 15.73 -20.30
C ASP B 270 20.44 16.61 -20.28
N CYS B 271 21.53 16.07 -19.70
CA CYS B 271 22.84 16.70 -19.68
C CYS B 271 23.37 16.94 -21.11
N TYR B 272 23.17 15.96 -22.01
CA TYR B 272 23.60 16.04 -23.39
C TYR B 272 22.87 17.22 -24.06
N LEU B 273 21.55 17.32 -23.87
CA LEU B 273 20.76 18.42 -24.41
C LEU B 273 21.27 19.77 -23.91
N ILE B 274 21.66 19.85 -22.64
CA ILE B 274 22.10 21.08 -22.04
C ILE B 274 23.47 21.48 -22.59
N SER B 275 24.33 20.49 -22.80
CA SER B 275 25.68 20.72 -23.30
C SER B 275 25.63 21.34 -24.69
N ARG B 276 24.64 20.94 -25.50
CA ARG B 276 24.58 21.26 -26.90
C ARG B 276 23.96 22.65 -27.13
N PHE B 277 22.90 22.96 -26.36
CA PHE B 277 22.09 24.13 -26.64
C PHE B 277 22.08 25.23 -25.57
N GLN B 278 22.93 25.17 -24.54
CA GLN B 278 22.84 26.12 -23.45
C GLN B 278 24.23 26.47 -22.95
N ASP B 279 24.94 25.49 -22.37
CA ASP B 279 26.28 25.71 -21.80
C ASP B 279 26.97 24.34 -21.74
N GLU B 280 28.10 24.26 -22.46
CA GLU B 280 28.87 23.04 -22.59
C GLU B 280 29.52 22.65 -21.27
N GLN B 281 29.99 23.63 -20.51
CA GLN B 281 30.71 23.37 -19.28
C GLN B 281 29.75 22.99 -18.15
N VAL B 282 28.54 23.54 -18.16
CA VAL B 282 27.58 23.15 -17.13
C VAL B 282 27.06 21.74 -17.39
N GLY B 283 26.65 21.46 -18.63
CA GLY B 283 26.16 20.14 -18.98
C GLY B 283 27.23 19.06 -18.81
N THR B 284 28.50 19.40 -18.98
CA THR B 284 29.55 18.39 -19.07
C THR B 284 30.11 18.08 -17.68
N THR B 285 30.29 19.12 -16.86
CA THR B 285 30.61 18.97 -15.46
C THR B 285 29.60 18.03 -14.80
N MET B 286 28.33 18.40 -14.93
CA MET B 286 27.20 17.71 -14.31
C MET B 286 27.21 16.24 -14.74
N ARG B 287 27.40 15.98 -16.03
CA ARG B 287 27.36 14.62 -16.52
C ARG B 287 28.46 13.79 -15.87
N GLN B 288 29.64 14.38 -15.74
CA GLN B 288 30.82 13.67 -15.33
C GLN B 288 30.77 13.39 -13.82
N ALA B 289 30.28 14.37 -13.07
CA ALA B 289 30.14 14.26 -11.62
C ALA B 289 29.17 13.11 -11.28
N TYR B 290 28.04 13.06 -11.98
CA TYR B 290 27.08 11.99 -11.85
C TYR B 290 27.78 10.66 -12.13
N LEU B 291 28.39 10.49 -13.29
CA LEU B 291 28.99 9.20 -13.57
C LEU B 291 30.07 8.84 -12.53
N GLN B 292 30.77 9.84 -11.98
CA GLN B 292 31.86 9.58 -11.03
C GLN B 292 31.30 8.99 -9.74
N SER B 293 30.28 9.61 -9.16
CA SER B 293 29.75 9.17 -7.87
C SER B 293 28.88 7.92 -8.04
N TYR B 294 28.12 7.83 -9.15
CA TYR B 294 27.32 6.64 -9.44
C TYR B 294 28.23 5.41 -9.51
N ALA B 295 29.41 5.50 -10.14
CA ALA B 295 30.25 4.33 -10.33
C ALA B 295 30.95 3.90 -9.04
N ARG B 296 31.16 4.85 -8.11
CA ARG B 296 31.83 4.60 -6.85
C ARG B 296 30.91 3.92 -5.83
N THR B 297 29.61 4.21 -5.91
CA THR B 297 28.61 3.84 -4.91
C THR B 297 27.83 2.59 -5.30
N SER B 298 27.57 2.42 -6.60
CA SER B 298 26.75 1.33 -7.09
C SER B 298 27.46 0.00 -6.84
N LYS B 299 26.75 -1.01 -6.35
CA LYS B 299 27.36 -2.30 -6.06
C LYS B 299 27.26 -3.23 -7.27
N HIS B 300 26.67 -2.79 -8.40
CA HIS B 300 26.72 -3.53 -9.66
C HIS B 300 27.23 -2.64 -10.80
N SER B 301 28.06 -3.20 -11.69
CA SER B 301 28.64 -2.44 -12.79
C SER B 301 27.57 -2.00 -13.78
N ILE B 302 27.78 -0.82 -14.37
CA ILE B 302 26.88 -0.22 -15.34
C ILE B 302 26.83 -1.09 -16.58
N ASN B 303 25.69 -1.13 -17.26
CA ASN B 303 25.63 -1.69 -18.61
C ASN B 303 25.68 -0.54 -19.64
N TYR B 304 26.84 -0.36 -20.27
CA TYR B 304 27.11 0.79 -21.11
C TYR B 304 26.34 0.72 -22.44
N ALA B 305 26.10 -0.48 -23.00
CA ALA B 305 25.24 -0.57 -24.17
C ALA B 305 23.84 -0.05 -23.86
N LYS B 306 23.29 -0.40 -22.67
CA LYS B 306 21.91 -0.09 -22.37
C LYS B 306 21.77 1.40 -22.02
N VAL B 307 22.78 1.96 -21.35
CA VAL B 307 22.81 3.39 -21.02
C VAL B 307 23.00 4.21 -22.29
N THR B 308 23.81 3.72 -23.24
CA THR B 308 23.99 4.41 -24.50
C THR B 308 22.63 4.53 -25.19
N ALA B 309 21.85 3.44 -25.20
CA ALA B 309 20.59 3.39 -25.91
C ALA B 309 19.55 4.23 -25.20
N GLY B 310 19.64 4.27 -23.88
CA GLY B 310 18.77 5.07 -23.06
C GLY B 310 18.94 6.53 -23.37
N ILE B 311 20.20 6.95 -23.55
CA ILE B 311 20.54 8.33 -23.88
C ILE B 311 20.03 8.69 -25.28
N ALA B 312 20.31 7.81 -26.24
CA ALA B 312 19.78 7.94 -27.58
C ALA B 312 18.27 8.17 -27.52
N ALA B 313 17.58 7.29 -26.78
CA ALA B 313 16.14 7.39 -26.62
C ALA B 313 15.76 8.78 -26.12
N HIS B 314 16.44 9.25 -25.07
CA HIS B 314 16.06 10.52 -24.48
C HIS B 314 16.16 11.60 -25.57
N ILE B 315 17.30 11.63 -26.27
CA ILE B 315 17.56 12.62 -27.30
C ILE B 315 16.43 12.67 -28.33
N VAL B 316 16.04 11.52 -28.89
CA VAL B 316 15.02 11.52 -29.94
C VAL B 316 13.66 11.89 -29.37
N MET B 317 13.38 11.55 -28.10
CA MET B 317 12.07 11.78 -27.51
C MET B 317 11.94 13.23 -27.03
N TRP B 318 13.03 13.89 -26.61
CA TRP B 318 12.95 15.20 -25.96
C TRP B 318 13.41 16.39 -26.81
N THR B 319 14.15 16.20 -27.90
CA THR B 319 14.77 17.34 -28.57
C THR B 319 13.69 18.33 -29.02
N ASP B 320 12.66 17.78 -29.66
CA ASP B 320 11.55 18.59 -30.13
C ASP B 320 10.84 19.26 -28.95
N PHE B 321 10.47 18.50 -27.91
CA PHE B 321 9.72 19.06 -26.78
C PHE B 321 10.42 20.31 -26.24
N MET B 322 11.73 20.20 -25.96
CA MET B 322 12.48 21.27 -25.31
C MET B 322 12.49 22.52 -26.16
N GLN B 323 12.42 22.34 -27.48
CA GLN B 323 12.19 23.44 -28.40
C GLN B 323 13.39 24.39 -28.38
N TRP B 324 14.61 23.85 -28.28
CA TRP B 324 15.81 24.67 -28.18
C TRP B 324 16.52 24.89 -29.53
N GLY B 325 17.31 25.95 -29.63
CA GLY B 325 18.05 26.23 -30.86
C GLY B 325 17.13 26.44 -32.06
N SER B 326 17.54 25.98 -33.25
CA SER B 326 16.75 26.14 -34.46
C SER B 326 16.34 24.78 -35.06
N GLU B 327 15.34 24.78 -35.95
CA GLU B 327 14.84 23.58 -36.61
C GLU B 327 16.00 22.73 -37.16
N GLU B 328 16.92 23.41 -37.86
CA GLU B 328 18.02 22.79 -38.60
C GLU B 328 18.93 22.04 -37.62
N GLU B 329 19.33 22.74 -36.56
CA GLU B 329 20.21 22.19 -35.53
C GLU B 329 19.56 21.00 -34.84
N ARG B 330 18.23 21.08 -34.58
CA ARG B 330 17.50 20.03 -33.88
C ARG B 330 17.48 18.77 -34.73
N ILE B 331 17.36 18.94 -36.07
CA ILE B 331 17.35 17.82 -37.00
C ILE B 331 18.68 17.05 -36.90
N ASN B 332 19.80 17.76 -36.88
CA ASN B 332 21.10 17.09 -36.84
C ASN B 332 21.39 16.47 -35.48
N PHE B 333 20.82 17.06 -34.42
CA PHE B 333 21.02 16.53 -33.08
C PHE B 333 20.31 15.18 -32.97
N VAL B 334 19.07 15.11 -33.46
CA VAL B 334 18.34 13.86 -33.45
C VAL B 334 19.09 12.83 -34.27
N LYS B 335 19.73 13.24 -35.39
CA LYS B 335 20.45 12.29 -36.23
C LYS B 335 21.59 11.64 -35.46
N LYS B 336 22.23 12.37 -34.54
CA LYS B 336 23.35 11.80 -33.78
C LYS B 336 22.81 10.79 -32.76
N GLY B 337 21.61 11.06 -32.26
CA GLY B 337 20.91 10.16 -31.38
C GLY B 337 20.59 8.83 -32.07
N VAL B 338 19.98 8.92 -33.24
CA VAL B 338 19.70 7.73 -34.04
C VAL B 338 21.00 6.98 -34.37
N ALA B 339 22.10 7.71 -34.57
CA ALA B 339 23.37 7.06 -34.83
C ALA B 339 23.83 6.26 -33.62
N ALA B 340 23.57 6.78 -32.42
CA ALA B 340 24.05 6.16 -31.19
C ALA B 340 23.42 4.78 -30.95
N PHE B 341 22.22 4.53 -31.50
CA PHE B 341 21.60 3.23 -31.44
C PHE B 341 22.42 2.16 -32.18
N HIS B 342 23.15 2.56 -33.24
CA HIS B 342 24.00 1.63 -33.97
C HIS B 342 25.24 1.28 -33.14
N ASP B 343 25.66 2.19 -32.26
CA ASP B 343 26.81 1.94 -31.38
C ASP B 343 26.43 0.99 -30.24
N ALA B 344 25.20 1.11 -29.70
CA ALA B 344 24.71 0.23 -28.66
C ALA B 344 24.56 -1.21 -29.17
N ARG B 345 23.86 -1.40 -30.29
CA ARG B 345 23.66 -2.72 -30.89
C ARG B 345 24.97 -3.35 -31.37
N GLY B 346 25.94 -2.54 -31.81
CA GLY B 346 27.23 -3.05 -32.28
C GLY B 346 28.24 -3.28 -31.14
N ASN B 347 27.88 -2.89 -29.90
CA ASN B 347 28.74 -2.92 -28.72
C ASN B 347 30.07 -2.21 -29.03
N ASN B 348 29.98 -0.99 -29.60
CA ASN B 348 31.14 -0.30 -30.14
C ASN B 348 31.60 0.77 -29.16
N ASP B 349 32.84 0.62 -28.68
CA ASP B 349 33.38 1.40 -27.58
C ASP B 349 34.05 2.66 -28.09
N ASN B 350 34.19 2.82 -29.41
CA ASN B 350 34.68 4.06 -30.00
C ASN B 350 33.52 4.96 -30.42
N GLY B 351 32.28 4.45 -30.33
CA GLY B 351 31.11 5.27 -30.58
C GLY B 351 31.24 6.56 -29.79
N GLU B 352 30.69 7.64 -30.33
CA GLU B 352 30.85 8.95 -29.72
C GLU B 352 30.38 8.94 -28.27
N ILE B 353 29.17 8.41 -28.01
CA ILE B 353 28.61 8.46 -26.66
C ILE B 353 29.27 7.44 -25.74
N THR B 354 29.21 6.15 -26.12
CA THR B 354 29.71 5.08 -25.29
C THR B 354 31.14 5.40 -24.84
N SER B 355 31.94 5.98 -25.76
CA SER B 355 33.37 6.16 -25.54
C SER B 355 33.57 7.12 -24.38
N THR B 356 32.83 8.25 -24.45
CA THR B 356 32.76 9.27 -23.41
C THR B 356 32.35 8.65 -22.08
N LEU B 357 31.31 7.80 -22.08
CA LEU B 357 30.83 7.21 -20.84
C LEU B 357 31.99 6.53 -20.13
N LEU B 358 32.79 5.78 -20.88
CA LEU B 358 33.86 5.03 -20.27
C LEU B 358 34.89 5.98 -19.65
N LYS B 359 35.24 7.05 -20.36
CA LYS B 359 36.23 8.00 -19.89
C LYS B 359 35.75 8.66 -18.58
N GLU B 360 34.54 9.20 -18.62
CA GLU B 360 34.01 10.01 -17.52
C GLU B 360 33.69 9.17 -16.28
N SER B 361 33.55 7.85 -16.40
CA SER B 361 33.26 6.99 -15.25
C SER B 361 34.47 6.16 -14.85
N SER B 362 35.62 6.41 -15.48
CA SER B 362 36.85 5.76 -15.06
C SER B 362 37.00 5.90 -13.56
N THR B 363 37.24 4.79 -12.85
CA THR B 363 37.39 4.77 -11.41
C THR B 363 38.89 4.69 -11.08
N ALA B 364 39.37 5.69 -10.32
CA ALA B 364 40.78 6.06 -10.30
C ALA B 364 41.28 6.24 -11.74
C1 PEG C . -4.32 -21.82 18.59
O1 PEG C . -3.48 -22.96 18.57
C2 PEG C . -5.61 -22.05 17.86
O2 PEG C . -5.99 -20.86 17.17
C3 PEG C . -6.28 -19.76 18.02
C4 PEG C . -6.28 -18.48 17.22
O4 PEG C . -6.68 -17.36 17.98
S SO4 D . 4.51 -6.95 24.67
O1 SO4 D . 3.52 -6.01 25.12
O2 SO4 D . 5.77 -6.28 24.47
O3 SO4 D . 4.68 -7.97 25.67
O4 SO4 D . 4.05 -7.55 23.45
S SO4 E . 7.35 16.82 14.36
O1 SO4 E . 8.38 17.13 15.31
O2 SO4 E . 6.08 17.28 14.85
O3 SO4 E . 7.65 17.49 13.11
O4 SO4 E . 7.30 15.40 14.13
S SO4 F . -14.46 -15.46 -11.50
O1 SO4 F . -14.54 -16.73 -12.17
O2 SO4 F . -13.82 -14.49 -12.35
O3 SO4 F . -15.79 -15.01 -11.17
O4 SO4 F . -13.70 -15.61 -10.30
S SO4 G . 3.40 7.67 33.04
O1 SO4 G . 4.09 6.49 32.59
O2 SO4 G . 4.09 8.86 32.59
O3 SO4 G . 2.05 7.65 32.53
O4 SO4 G . 3.37 7.68 34.49
CL CL H . 1.59 -5.67 -4.37
CL CL I . -18.08 -26.17 29.75
CL CL J . -16.55 8.88 18.82
S SO4 K . -2.45 7.25 5.90
O1 SO4 K . -1.77 7.39 7.17
O2 SO4 K . -2.48 8.54 5.24
O3 SO4 K . -1.75 6.31 5.06
O4 SO4 K . -3.80 6.78 6.17
C20 RWB L . 2.01 0.48 -0.28
C18 RWB L . 4.37 0.75 0.05
C17 RWB L . 4.41 1.64 1.22
C21 RWB L . 0.88 0.23 0.72
C11 RWB L . 7.03 0.31 6.06
C8 RWB L . 5.60 -2.94 5.15
C12 RWB L . 7.97 1.03 5.13
C15 RWB L . 6.02 2.72 2.58
C14 RWB L . 6.35 1.60 3.48
C38 RWB L . -2.79 1.77 -5.96
O37 RWB L . -3.99 1.52 -5.23
C36 RWB L . -5.02 2.44 -5.55
C35 RWB L . -6.36 2.02 -5.02
O34 RWB L . -7.00 3.11 -4.37
C33 RWB L . -8.30 2.80 -3.88
C32 RWB L . -8.34 2.95 -2.40
O31 RWB L . -7.57 1.90 -1.79
C30 RWB L . -8.15 1.45 -0.56
C29 RWB L . -7.08 1.03 0.40
O28 RWB L . -6.61 -0.26 0.04
C27 RWB L . -5.31 -0.57 0.55
C26 RWB L . -4.30 -0.30 -0.51
O25 RWB L . -3.16 -1.12 -0.35
C24 RWB L . -1.93 -0.46 -0.65
C23 RWB L . -1.52 0.42 0.50
O22 RWB L . -0.24 1.00 0.28
O19 RWB L . 3.25 -0.11 0.12
O16 RWB L . 5.73 2.16 1.31
O13 RWB L . 7.33 2.07 4.38
O10 RWB L . 7.03 -1.08 5.75
C9 RWB L . 5.90 -1.47 4.97
O7 RWB L . 4.65 -3.36 4.18
C1 PEG M . 6.29 13.81 -24.21
O1 PEG M . 5.53 14.68 -25.07
C2 PEG M . 7.74 14.25 -24.03
O2 PEG M . 8.13 14.13 -22.66
C3 PEG M . 7.63 15.20 -21.84
C4 PEG M . 7.38 14.73 -20.41
O4 PEG M . 6.75 15.73 -19.62
S SO4 N . -16.00 13.97 9.47
O1 SO4 N . -15.26 14.98 10.18
O2 SO4 N . -17.33 14.46 9.17
O3 SO4 N . -15.32 13.65 8.25
O4 SO4 N . -16.11 12.78 10.27
S SO4 O . -8.17 20.00 -14.53
O1 SO4 O . -8.97 19.25 -13.60
O2 SO4 O . -7.59 21.13 -13.84
O3 SO4 O . -7.10 19.17 -15.01
O4 SO4 O . -9.02 20.42 -15.62
S SO4 P . 23.27 -1.73 -38.09
O1 SO4 P . 23.62 -2.89 -37.30
O2 SO4 P . 24.02 -0.61 -37.63
O3 SO4 P . 23.56 -1.97 -39.47
O4 SO4 P . 21.86 -1.48 -37.93
S SO4 Q . 20.47 -9.05 -6.75
O1 SO4 Q . 21.25 -8.13 -5.96
O2 SO4 Q . 20.90 -8.99 -8.12
O3 SO4 Q . 20.64 -10.39 -6.23
O4 SO4 Q . 19.07 -8.68 -6.66
S SO4 R . -14.39 31.00 -3.15
O1 SO4 R . -14.91 30.00 -2.25
O2 SO4 R . -14.89 32.28 -2.72
O3 SO4 R . -12.94 30.98 -3.14
O4 SO4 R . -14.85 30.73 -4.49
CL CL S . 17.45 28.69 -27.68
CL CL T . 7.40 25.01 7.13
#